data_1T94
#
_entry.id   1T94
#
_cell.length_a   85.209
_cell.length_b   109.460
_cell.length_c   111.205
_cell.angle_alpha   90.00
_cell.angle_beta   90.00
_cell.angle_gamma   90.00
#
_symmetry.space_group_name_H-M   'P 21 21 21'
#
loop_
_entity.id
_entity.type
_entity.pdbx_description
1 polymer 'polymerase (DNA directed) kappa'
2 water water
#
_entity_poly.entity_id   1
_entity_poly.type   'polypeptide(L)'
_entity_poly.pdbx_seq_one_letter_code
;MQQKAQITSQQLRKAQLQVDRFAMELEQSRNLSNTIVHIDMDAFYAAVEMRDNPELKDKPIAVGSMSMLSTSNYHARRFG
VRAAMPGFIAKRLCPQLIIVPPNFDKYRAVSKEVKEILADYDPNFMAMSLDEAYLNITKHLEERQNWPEDKRRYFIKMGS
SVENDNPGKEVNKLSEHERSISPLLFEESPSDVQPPGDPFQVNFEEQNNPQILQNSVVFGTSAQEVVKEIRFRIEQKTTL
TASAGIAPNTMLAKVCSDKNKPNGQYQILPNRQAVMDFIKDLPIRKVSGIGKVTEKMLKALGIITCTELYQQRALLSLLF
SETSWHYFLHISLGLGSTHLTRDGERKSMSVERTFSEINKAEEQYSLCQELCSELAQDLQKERLKGRTVTIKLKNVNFEV
KTRASTVSSVVSTAEEIFAIAKELLKTEIDADFPHPLRLRLMGVRISSFPNEEDRKHQQ
;
_entity_poly.pdbx_strand_id   A,B
#
# COMPACT_ATOMS: atom_id res chain seq x y z
N LYS A 4 -39.32 -11.79 24.84
CA LYS A 4 -38.01 -11.29 24.33
C LYS A 4 -37.88 -11.32 22.84
N ALA A 5 -37.18 -10.34 22.26
CA ALA A 5 -36.96 -10.30 20.82
C ALA A 5 -35.88 -11.32 20.45
N GLN A 6 -35.79 -11.69 19.18
CA GLN A 6 -34.79 -12.64 18.73
C GLN A 6 -34.23 -12.11 17.43
N ILE A 7 -33.16 -12.76 16.96
CA ILE A 7 -32.55 -12.41 15.70
C ILE A 7 -33.37 -13.25 14.72
N THR A 8 -33.92 -12.63 13.69
CA THR A 8 -34.76 -13.38 12.75
C THR A 8 -34.02 -14.29 11.79
N SER A 9 -34.55 -15.51 11.65
CA SER A 9 -33.97 -16.52 10.76
C SER A 9 -34.17 -15.98 9.36
N GLN A 10 -33.75 -14.72 9.23
CA GLN A 10 -33.84 -13.97 8.00
C GLN A 10 -32.70 -12.99 8.05
N GLN A 11 -32.80 -12.07 9.01
CA GLN A 11 -31.76 -11.07 9.19
C GLN A 11 -30.43 -11.74 9.46
N LEU A 12 -30.48 -12.94 10.01
CA LEU A 12 -29.27 -13.69 10.30
C LEU A 12 -28.70 -14.13 8.98
N ARG A 13 -29.58 -14.21 7.98
CA ARG A 13 -29.19 -14.62 6.64
C ARG A 13 -28.47 -13.50 5.92
N LYS A 14 -29.00 -12.29 6.00
CA LYS A 14 -28.35 -11.15 5.36
C LYS A 14 -26.92 -11.14 5.84
N ALA A 15 -26.75 -11.28 7.15
CA ALA A 15 -25.43 -11.30 7.76
C ALA A 15 -24.55 -12.30 7.05
N GLN A 16 -24.98 -13.57 7.04
CA GLN A 16 -24.23 -14.63 6.39
C GLN A 16 -23.66 -14.23 5.04
N LEU A 17 -24.49 -13.59 4.22
CA LEU A 17 -24.07 -13.16 2.89
C LEU A 17 -22.97 -12.12 2.99
N GLN A 18 -23.14 -11.16 3.90
CA GLN A 18 -22.14 -10.13 4.09
C GLN A 18 -20.85 -10.75 4.63
N VAL A 19 -20.97 -11.63 5.61
CA VAL A 19 -19.81 -12.30 6.19
C VAL A 19 -19.09 -13.17 5.17
N ASP A 20 -19.83 -14.03 4.48
CA ASP A 20 -19.26 -14.92 3.48
C ASP A 20 -18.68 -14.20 2.27
N ARG A 21 -19.00 -12.92 2.13
CA ARG A 21 -18.49 -12.13 1.03
C ARG A 21 -17.10 -11.67 1.46
N PHE A 22 -16.98 -11.39 2.77
CA PHE A 22 -15.73 -10.95 3.38
C PHE A 22 -14.82 -12.16 3.55
N ALA A 23 -15.42 -13.30 3.85
CA ALA A 23 -14.66 -14.54 4.03
C ALA A 23 -14.01 -14.92 2.70
N MET A 24 -14.77 -14.79 1.62
CA MET A 24 -14.24 -15.12 0.30
C MET A 24 -13.12 -14.15 -0.08
N GLU A 25 -13.31 -12.86 0.16
CA GLU A 25 -12.28 -11.90 -0.17
C GLU A 25 -11.01 -12.16 0.64
N LEU A 26 -11.15 -12.88 1.75
CA LEU A 26 -10.01 -13.19 2.60
C LEU A 26 -9.34 -14.48 2.15
N GLU A 27 -10.14 -15.48 1.78
CA GLU A 27 -9.61 -16.75 1.32
C GLU A 27 -8.78 -16.52 0.05
N GLN A 28 -9.30 -15.70 -0.86
CA GLN A 28 -8.60 -15.46 -2.11
C GLN A 28 -7.25 -14.78 -1.96
N SER A 29 -7.03 -14.10 -0.83
CA SER A 29 -5.77 -13.40 -0.65
C SER A 29 -4.81 -13.92 0.41
N ARG A 30 -4.95 -15.17 0.83
CA ARG A 30 -4.06 -15.66 1.87
C ARG A 30 -2.67 -16.03 1.35
N ASN A 31 -1.65 -15.43 1.96
CA ASN A 31 -0.23 -15.67 1.65
C ASN A 31 0.28 -16.79 2.51
N LEU A 32 0.97 -17.71 1.89
CA LEU A 32 1.54 -18.84 2.61
C LEU A 32 3.02 -18.82 2.30
N SER A 33 3.43 -17.80 1.55
CA SER A 33 4.81 -17.67 1.09
C SER A 33 5.80 -17.10 2.11
N ASN A 34 5.30 -16.66 3.25
CA ASN A 34 6.17 -16.12 4.28
C ASN A 34 6.35 -17.11 5.43
N THR A 35 7.49 -17.04 6.11
CA THR A 35 7.76 -17.91 7.24
C THR A 35 8.00 -17.02 8.45
N ILE A 36 6.97 -16.91 9.29
CA ILE A 36 7.03 -16.10 10.51
C ILE A 36 7.39 -17.00 11.68
N VAL A 37 8.27 -16.49 12.54
CA VAL A 37 8.69 -17.24 13.72
C VAL A 37 8.38 -16.47 14.98
N HIS A 38 7.87 -17.17 15.98
CA HIS A 38 7.59 -16.52 17.26
C HIS A 38 8.53 -17.19 18.25
N ILE A 39 9.32 -16.38 18.96
CA ILE A 39 10.26 -16.89 19.94
C ILE A 39 9.74 -16.58 21.34
N ASP A 40 9.85 -17.54 22.23
CA ASP A 40 9.40 -17.34 23.60
C ASP A 40 10.43 -17.90 24.59
N MET A 41 11.11 -17.00 25.30
CA MET A 41 12.10 -17.42 26.28
C MET A 41 11.37 -18.16 27.41
N ASP A 42 11.78 -19.39 27.70
CA ASP A 42 11.15 -20.21 28.73
C ASP A 42 11.20 -19.63 30.14
N ALA A 43 10.04 -19.23 30.66
CA ALA A 43 9.94 -18.65 32.01
C ALA A 43 11.13 -17.71 32.22
N PHE A 44 11.37 -16.84 31.25
CA PHE A 44 12.50 -15.92 31.29
C PHE A 44 12.97 -15.38 32.63
N TYR A 45 12.24 -14.43 33.23
CA TYR A 45 12.65 -13.84 34.50
C TYR A 45 13.12 -14.89 35.52
N ALA A 46 12.31 -15.91 35.71
CA ALA A 46 12.64 -16.95 36.66
C ALA A 46 13.88 -17.73 36.26
N ALA A 47 13.99 -18.09 34.98
CA ALA A 47 15.15 -18.86 34.51
C ALA A 47 16.43 -18.06 34.72
N VAL A 48 16.32 -16.74 34.64
CA VAL A 48 17.45 -15.85 34.85
C VAL A 48 17.90 -15.94 36.30
N GLU A 49 16.94 -15.80 37.22
CA GLU A 49 17.27 -15.88 38.63
C GLU A 49 17.88 -17.23 38.94
N MET A 50 17.29 -18.27 38.37
CA MET A 50 17.77 -19.63 38.59
C MET A 50 19.23 -19.76 38.16
N ARG A 51 19.59 -19.03 37.10
CA ARG A 51 20.94 -19.07 36.57
C ARG A 51 21.96 -18.40 37.49
N ASP A 52 21.65 -17.18 37.90
CA ASP A 52 22.54 -16.41 38.77
C ASP A 52 22.61 -16.93 40.20
N ASN A 53 21.64 -17.75 40.58
CA ASN A 53 21.61 -18.31 41.94
C ASN A 53 21.25 -19.79 41.83
N PRO A 54 22.25 -20.63 41.54
CA PRO A 54 22.09 -22.09 41.39
C PRO A 54 21.26 -22.78 42.48
N GLU A 55 21.15 -22.15 43.65
CA GLU A 55 20.38 -22.74 44.75
C GLU A 55 18.91 -22.92 44.40
N LEU A 56 18.47 -22.26 43.33
CA LEU A 56 17.07 -22.33 42.92
C LEU A 56 16.80 -23.30 41.79
N LYS A 57 17.87 -23.81 41.17
CA LYS A 57 17.73 -24.71 40.04
C LYS A 57 16.73 -25.86 40.17
N ASP A 58 16.67 -26.47 41.35
CA ASP A 58 15.76 -27.61 41.57
C ASP A 58 14.60 -27.31 42.48
N LYS A 59 14.04 -26.11 42.39
CA LYS A 59 12.93 -25.74 43.26
C LYS A 59 11.84 -24.95 42.60
N PRO A 60 10.67 -24.86 43.26
CA PRO A 60 9.58 -24.10 42.68
C PRO A 60 9.86 -22.66 43.06
N ILE A 61 9.95 -21.77 42.08
CA ILE A 61 10.18 -20.39 42.42
C ILE A 61 9.33 -19.57 41.48
N ALA A 62 9.21 -18.29 41.77
CA ALA A 62 8.45 -17.38 40.93
C ALA A 62 9.00 -16.00 41.20
N VAL A 63 8.99 -15.16 40.18
CA VAL A 63 9.47 -13.81 40.34
C VAL A 63 8.29 -12.90 40.64
N GLY A 64 8.46 -12.01 41.59
CA GLY A 64 7.40 -11.10 41.97
C GLY A 64 7.47 -10.70 43.43
N SER A 65 6.33 -10.84 44.10
CA SER A 65 6.16 -10.51 45.52
C SER A 65 4.87 -11.18 45.94
N MET A 66 4.57 -11.15 47.23
CA MET A 66 3.34 -11.76 47.75
C MET A 66 2.06 -11.17 47.17
N SER A 67 2.08 -9.89 46.86
CA SER A 67 0.88 -9.27 46.31
C SER A 67 0.60 -9.76 44.91
N MET A 68 1.64 -10.00 44.12
CA MET A 68 1.43 -10.47 42.75
C MET A 68 2.64 -11.18 42.13
N LEU A 69 2.41 -12.35 41.54
CA LEU A 69 3.48 -13.09 40.90
C LEU A 69 3.58 -12.66 39.44
N SER A 70 4.78 -12.76 38.86
CA SER A 70 5.00 -12.37 37.46
C SER A 70 5.44 -13.51 36.56
N THR A 71 6.37 -14.33 37.05
CA THR A 71 6.90 -15.42 36.24
C THR A 71 7.21 -16.65 37.07
N SER A 72 6.62 -17.77 36.68
CA SER A 72 6.84 -19.01 37.40
C SER A 72 7.70 -19.99 36.62
N ASN A 73 8.71 -20.54 37.29
CA ASN A 73 9.55 -21.51 36.62
C ASN A 73 8.66 -22.75 36.44
N TYR A 74 9.08 -23.68 35.60
CA TYR A 74 8.25 -24.85 35.31
C TYR A 74 7.98 -25.79 36.46
N HIS A 75 8.89 -25.87 37.43
CA HIS A 75 8.67 -26.73 38.58
C HIS A 75 7.42 -26.18 39.27
N ALA A 76 7.42 -24.89 39.55
CA ALA A 76 6.29 -24.22 40.20
C ALA A 76 4.98 -24.33 39.40
N ARG A 77 5.08 -24.26 38.07
CA ARG A 77 3.91 -24.35 37.21
C ARG A 77 3.21 -25.69 37.32
N ARG A 78 3.94 -26.75 37.66
CA ARG A 78 3.32 -28.06 37.81
C ARG A 78 2.32 -28.04 38.96
N PHE A 79 2.53 -27.14 39.92
CA PHE A 79 1.62 -27.01 41.05
C PHE A 79 0.43 -26.12 40.68
N GLY A 80 0.49 -25.49 39.51
CA GLY A 80 -0.58 -24.61 39.09
C GLY A 80 -0.27 -23.15 39.30
N VAL A 81 0.93 -22.86 39.78
CA VAL A 81 1.35 -21.48 40.01
C VAL A 81 1.52 -20.76 38.68
N ARG A 82 0.90 -19.59 38.56
CA ARG A 82 0.96 -18.82 37.32
C ARG A 82 1.31 -17.38 37.55
N ALA A 83 1.69 -16.71 36.48
CA ALA A 83 2.00 -15.29 36.57
C ALA A 83 0.65 -14.63 36.88
N ALA A 84 0.68 -13.38 37.34
CA ALA A 84 -0.52 -12.62 37.66
C ALA A 84 -1.40 -13.31 38.69
N MET A 85 -0.80 -14.21 39.46
CA MET A 85 -1.55 -14.91 40.50
C MET A 85 -1.09 -14.36 41.84
N PRO A 86 -2.05 -14.08 42.75
CA PRO A 86 -1.71 -13.54 44.07
C PRO A 86 -0.80 -14.53 44.79
N GLY A 87 0.15 -14.00 45.56
CA GLY A 87 1.09 -14.85 46.28
C GLY A 87 0.50 -15.84 47.28
N PHE A 88 -0.56 -15.44 47.97
CA PHE A 88 -1.17 -16.33 48.96
C PHE A 88 -1.82 -17.54 48.31
N ILE A 89 -2.29 -17.37 47.07
CA ILE A 89 -2.92 -18.47 46.35
C ILE A 89 -1.81 -19.40 45.85
N ALA A 90 -0.68 -18.82 45.46
CA ALA A 90 0.43 -19.62 44.99
C ALA A 90 0.98 -20.42 46.17
N LYS A 91 1.07 -19.79 47.35
CA LYS A 91 1.59 -20.45 48.54
C LYS A 91 0.65 -21.58 48.98
N ARG A 92 -0.64 -21.47 48.64
CA ARG A 92 -1.59 -22.52 48.99
C ARG A 92 -1.35 -23.72 48.07
N LEU A 93 -1.15 -23.41 46.80
CA LEU A 93 -0.89 -24.43 45.79
C LEU A 93 0.49 -25.06 45.98
N CYS A 94 1.46 -24.23 46.36
CA CYS A 94 2.84 -24.67 46.54
C CYS A 94 3.52 -23.99 47.74
N PRO A 95 3.41 -24.59 48.94
CA PRO A 95 3.98 -24.07 50.19
C PRO A 95 5.45 -23.69 50.18
N GLN A 96 6.27 -24.47 49.50
CA GLN A 96 7.70 -24.22 49.46
C GLN A 96 8.14 -23.19 48.41
N LEU A 97 7.18 -22.70 47.63
CA LEU A 97 7.48 -21.71 46.60
C LEU A 97 8.39 -20.61 47.11
N ILE A 98 9.43 -20.30 46.35
CA ILE A 98 10.34 -19.24 46.73
C ILE A 98 10.02 -18.06 45.81
N ILE A 99 9.56 -16.97 46.40
CA ILE A 99 9.24 -15.80 45.60
C ILE A 99 10.44 -14.87 45.59
N VAL A 100 11.02 -14.67 44.41
CA VAL A 100 12.18 -13.81 44.27
C VAL A 100 11.82 -12.49 43.63
N PRO A 101 12.18 -11.37 44.28
CA PRO A 101 11.91 -10.00 43.82
C PRO A 101 12.50 -9.69 42.45
N PRO A 102 11.71 -9.07 41.57
CA PRO A 102 12.17 -8.73 40.23
C PRO A 102 13.41 -7.84 40.27
N ASN A 103 14.14 -7.87 39.16
CA ASN A 103 15.35 -7.11 38.98
C ASN A 103 15.41 -6.99 37.44
N PHE A 104 14.67 -6.04 36.89
CA PHE A 104 14.60 -5.87 35.44
C PHE A 104 15.87 -5.46 34.72
N ASP A 105 16.83 -4.89 35.44
CA ASP A 105 18.05 -4.53 34.76
C ASP A 105 18.80 -5.78 34.32
N LYS A 106 18.72 -6.85 35.11
CA LYS A 106 19.39 -8.09 34.73
C LYS A 106 18.58 -8.79 33.64
N TYR A 107 17.27 -8.54 33.60
CA TYR A 107 16.44 -9.17 32.58
C TYR A 107 16.61 -8.43 31.27
N ARG A 108 16.72 -7.10 31.34
CA ARG A 108 16.92 -6.28 30.13
C ARG A 108 18.21 -6.63 29.43
N ALA A 109 19.27 -6.82 30.22
CA ALA A 109 20.59 -7.14 29.66
C ALA A 109 20.60 -8.47 28.93
N VAL A 110 20.06 -9.51 29.56
CA VAL A 110 20.04 -10.83 28.95
C VAL A 110 19.21 -10.74 27.68
N SER A 111 18.12 -9.98 27.75
CA SER A 111 17.22 -9.80 26.62
C SER A 111 17.92 -9.17 25.43
N LYS A 112 18.75 -8.16 25.72
CA LYS A 112 19.50 -7.48 24.68
C LYS A 112 20.37 -8.50 23.98
N GLU A 113 21.03 -9.35 24.77
CA GLU A 113 21.88 -10.40 24.22
C GLU A 113 21.07 -11.25 23.25
N VAL A 114 19.87 -11.62 23.65
CA VAL A 114 19.00 -12.41 22.81
C VAL A 114 18.66 -11.61 21.53
N LYS A 115 18.33 -10.34 21.70
CA LYS A 115 17.98 -9.51 20.56
C LYS A 115 19.10 -9.44 19.53
N GLU A 116 20.33 -9.37 20.01
CA GLU A 116 21.47 -9.29 19.12
C GLU A 116 21.43 -10.50 18.20
N ILE A 117 21.06 -11.64 18.76
CA ILE A 117 20.99 -12.87 17.98
C ILE A 117 19.80 -12.86 17.02
N LEU A 118 18.65 -12.40 17.48
CA LEU A 118 17.46 -12.37 16.62
C LEU A 118 17.60 -11.41 15.43
N ALA A 119 18.44 -10.38 15.59
CA ALA A 119 18.66 -9.39 14.56
C ALA A 119 19.38 -10.02 13.38
N ASP A 120 20.28 -10.95 13.64
CA ASP A 120 20.99 -11.61 12.56
C ASP A 120 20.05 -12.24 11.55
N TYR A 121 18.94 -12.81 12.02
CA TYR A 121 18.00 -13.50 11.13
C TYR A 121 16.92 -12.60 10.54
N ASP A 122 16.62 -11.48 11.20
CA ASP A 122 15.65 -10.54 10.69
C ASP A 122 15.91 -9.23 11.40
N PRO A 123 16.61 -8.31 10.71
CA PRO A 123 16.92 -7.01 11.30
C PRO A 123 15.67 -6.19 11.62
N ASN A 124 14.52 -6.63 11.14
CA ASN A 124 13.28 -5.92 11.41
C ASN A 124 12.31 -6.73 12.28
N PHE A 125 12.88 -7.60 13.10
CA PHE A 125 12.10 -8.43 13.98
C PHE A 125 11.33 -7.55 14.97
N MET A 126 10.24 -8.09 15.50
CA MET A 126 9.42 -7.35 16.43
C MET A 126 9.56 -7.94 17.84
N ALA A 127 10.13 -7.14 18.75
CA ALA A 127 10.30 -7.58 20.12
C ALA A 127 9.05 -7.15 20.87
N MET A 128 8.23 -8.13 21.23
CA MET A 128 6.98 -7.87 21.94
C MET A 128 7.21 -7.49 23.40
N SER A 129 8.24 -8.07 23.99
CA SER A 129 8.57 -7.80 25.38
C SER A 129 10.01 -8.23 25.56
N LEU A 130 10.42 -8.49 26.79
CA LEU A 130 11.78 -8.90 27.02
C LEU A 130 11.97 -10.38 26.72
N ASP A 131 10.90 -11.15 26.81
CA ASP A 131 10.97 -12.58 26.59
C ASP A 131 10.28 -13.14 25.34
N GLU A 132 9.76 -12.28 24.49
CA GLU A 132 9.14 -12.77 23.26
C GLU A 132 9.37 -11.89 22.05
N ALA A 133 9.38 -12.51 20.88
CA ALA A 133 9.61 -11.80 19.64
C ALA A 133 9.08 -12.55 18.42
N TYR A 134 8.81 -11.78 17.37
CA TYR A 134 8.33 -12.29 16.08
C TYR A 134 9.44 -12.01 15.08
N LEU A 135 9.73 -12.98 14.22
CA LEU A 135 10.74 -12.81 13.18
C LEU A 135 10.17 -13.25 11.85
N ASN A 136 10.55 -12.57 10.77
CA ASN A 136 10.11 -12.99 9.44
C ASN A 136 11.42 -13.47 8.82
N ILE A 137 11.62 -14.78 8.79
CA ILE A 137 12.85 -15.35 8.25
C ILE A 137 12.80 -15.65 6.77
N THR A 138 11.70 -15.25 6.14
CA THR A 138 11.49 -15.43 4.71
C THR A 138 12.73 -15.07 3.91
N LYS A 139 13.19 -13.83 4.08
CA LYS A 139 14.36 -13.36 3.36
C LYS A 139 15.62 -14.15 3.75
N HIS A 140 15.77 -14.45 5.05
CA HIS A 140 16.92 -15.22 5.53
C HIS A 140 16.95 -16.57 4.86
N LEU A 141 15.79 -17.21 4.74
CA LEU A 141 15.72 -18.52 4.09
C LEU A 141 16.14 -18.50 2.61
N GLU A 142 15.65 -17.52 1.87
CA GLU A 142 15.98 -17.42 0.45
C GLU A 142 17.49 -17.34 0.23
N GLU A 143 18.20 -16.77 1.21
CA GLU A 143 19.66 -16.65 1.15
C GLU A 143 20.38 -17.87 1.71
N ARG A 144 19.93 -18.35 2.87
CA ARG A 144 20.54 -19.50 3.50
C ARG A 144 20.51 -20.69 2.55
N GLN A 145 19.55 -20.65 1.63
CA GLN A 145 19.39 -21.70 0.64
C GLN A 145 20.72 -22.03 -0.04
N ASN A 146 21.48 -20.98 -0.38
CA ASN A 146 22.74 -21.17 -1.09
C ASN A 146 24.01 -21.20 -0.23
N TRP A 147 23.84 -20.97 1.06
CA TRP A 147 24.96 -20.96 1.98
C TRP A 147 25.67 -22.29 2.19
N PRO A 148 27.02 -22.26 2.27
CA PRO A 148 27.78 -23.49 2.49
C PRO A 148 27.79 -23.85 3.99
N GLU A 149 28.29 -25.03 4.33
CA GLU A 149 28.32 -25.51 5.73
C GLU A 149 28.99 -24.54 6.71
N ASP A 150 30.06 -23.89 6.26
CA ASP A 150 30.81 -22.96 7.09
C ASP A 150 30.06 -21.68 7.42
N LYS A 151 28.91 -21.48 6.78
CA LYS A 151 28.14 -20.29 7.10
C LYS A 151 26.95 -20.66 7.97
N ARG A 152 26.94 -21.91 8.43
CA ARG A 152 25.86 -22.41 9.29
C ARG A 152 26.52 -23.30 10.34
N ARG A 153 27.76 -22.97 10.70
CA ARG A 153 28.58 -23.72 11.65
C ARG A 153 28.87 -22.85 12.86
N TYR A 154 28.55 -23.34 14.05
CA TYR A 154 28.78 -22.59 15.26
C TYR A 154 29.52 -23.35 16.36
N PHE A 155 30.40 -22.64 17.05
CA PHE A 155 31.17 -23.18 18.15
C PHE A 155 30.21 -23.69 19.22
N ILE A 156 30.25 -24.99 19.49
CA ILE A 156 29.38 -25.57 20.52
C ILE A 156 30.24 -25.52 21.76
N LYS A 157 29.61 -25.30 22.89
CA LYS A 157 30.37 -25.21 24.12
C LYS A 157 30.45 -26.52 24.86
N MET A 158 31.67 -27.03 24.90
CA MET A 158 32.03 -28.24 25.61
C MET A 158 33.26 -27.70 26.33
N VAL A 162 38.98 -25.59 27.62
CA VAL A 162 39.71 -25.54 26.35
C VAL A 162 40.69 -26.70 26.19
N GLU A 163 40.97 -27.43 27.27
CA GLU A 163 41.85 -28.63 27.21
C GLU A 163 41.02 -29.97 27.19
N ASN A 164 40.80 -30.30 25.84
CA ASN A 164 40.06 -31.36 25.05
C ASN A 164 40.92 -32.20 24.10
N ASP A 165 40.86 -33.51 24.19
CA ASP A 165 41.72 -34.26 23.32
C ASP A 165 41.34 -34.27 21.83
N ASN A 166 41.48 -33.17 21.08
CA ASN A 166 41.12 -33.28 19.65
C ASN A 166 42.35 -33.43 18.74
N PRO A 167 42.37 -34.47 17.89
CA PRO A 167 43.49 -34.71 16.97
C PRO A 167 43.88 -33.52 16.10
N GLY A 168 45.18 -33.32 15.92
CA GLY A 168 45.68 -32.23 15.10
C GLY A 168 46.32 -32.71 13.80
N LYS A 169 47.43 -32.09 13.42
CA LYS A 169 48.13 -32.44 12.18
C LYS A 169 48.97 -33.72 12.25
N GLU A 170 49.08 -34.33 13.43
CA GLU A 170 49.85 -35.56 13.55
C GLU A 170 49.10 -36.70 12.85
N VAL A 171 47.91 -36.38 12.36
CA VAL A 171 47.09 -37.36 11.63
C VAL A 171 47.75 -37.60 10.27
N ASN A 172 48.71 -36.72 9.92
CA ASN A 172 49.44 -36.83 8.66
C ASN A 172 50.22 -38.15 8.50
N LYS A 173 50.49 -38.81 9.62
CA LYS A 173 51.25 -40.07 9.59
C LYS A 173 50.43 -41.21 8.99
N LEU A 174 49.12 -41.01 8.91
CA LEU A 174 48.24 -42.02 8.34
C LEU A 174 48.13 -41.83 6.84
N SER A 175 48.74 -40.76 6.33
CA SER A 175 48.71 -40.51 4.90
C SER A 175 49.60 -41.54 4.20
N GLU A 176 49.35 -41.73 2.91
CA GLU A 176 50.09 -42.69 2.10
C GLU A 176 51.60 -42.62 2.16
N HIS A 177 52.15 -41.41 2.24
CA HIS A 177 53.60 -41.24 2.26
C HIS A 177 54.32 -41.29 3.61
N GLU A 178 53.57 -41.25 4.71
CA GLU A 178 54.20 -41.30 6.03
C GLU A 178 53.90 -42.60 6.77
N ARG A 179 52.84 -43.29 6.36
CA ARG A 179 52.44 -44.55 7.00
C ARG A 179 53.56 -45.55 7.23
N SER A 180 53.94 -46.22 6.15
CA SER A 180 54.97 -47.24 6.19
C SER A 180 56.32 -46.77 6.70
N ILE A 181 56.60 -45.48 6.63
CA ILE A 181 57.90 -44.99 7.08
C ILE A 181 58.08 -44.73 8.57
N SER A 182 57.00 -44.36 9.25
CA SER A 182 57.10 -44.08 10.68
C SER A 182 57.93 -45.14 11.42
N PRO A 183 57.66 -46.43 11.17
CA PRO A 183 58.46 -47.43 11.88
C PRO A 183 59.89 -47.54 11.42
N LEU A 184 60.18 -46.99 10.24
CA LEU A 184 61.54 -47.04 9.72
C LEU A 184 62.43 -45.88 10.20
N LEU A 185 61.84 -44.83 10.73
CA LEU A 185 62.65 -43.69 11.19
C LEU A 185 63.47 -44.09 12.41
N PHE A 186 64.59 -43.41 12.62
CA PHE A 186 65.47 -43.68 13.78
C PHE A 186 65.14 -42.67 14.86
N ASN A 209 51.91 -24.94 14.81
CA ASN A 209 50.50 -25.00 15.19
C ASN A 209 49.98 -26.42 14.97
N PRO A 210 49.68 -27.15 16.05
CA PRO A 210 49.18 -28.53 15.96
C PRO A 210 47.92 -28.66 15.08
N GLN A 211 47.28 -27.53 14.82
CA GLN A 211 46.06 -27.51 14.02
C GLN A 211 44.95 -28.29 14.73
N ILE A 212 44.93 -28.23 16.06
CA ILE A 212 43.88 -28.92 16.80
C ILE A 212 42.72 -27.92 16.89
N LEU A 213 41.54 -28.33 16.46
CA LEU A 213 40.39 -27.44 16.50
C LEU A 213 39.53 -27.79 17.71
N GLN A 214 38.53 -26.95 17.96
CA GLN A 214 37.58 -27.16 19.04
C GLN A 214 36.25 -27.43 18.35
N ASN A 215 35.42 -28.27 18.96
CA ASN A 215 34.14 -28.63 18.36
C ASN A 215 33.20 -27.52 17.97
N SER A 216 32.44 -27.76 16.90
CA SER A 216 31.42 -26.83 16.39
C SER A 216 30.34 -27.66 15.72
N VAL A 217 29.10 -27.16 15.74
CA VAL A 217 27.99 -27.87 15.12
C VAL A 217 27.36 -27.11 13.94
N VAL A 218 26.70 -27.88 13.07
CA VAL A 218 26.09 -27.37 11.85
C VAL A 218 24.59 -27.55 11.79
N PHE A 219 23.87 -26.55 11.28
CA PHE A 219 22.43 -26.63 11.11
C PHE A 219 22.11 -26.52 9.60
N GLY A 220 21.06 -27.20 9.16
CA GLY A 220 20.67 -27.18 7.75
C GLY A 220 20.11 -25.86 7.22
N THR A 221 19.42 -25.94 6.10
CA THR A 221 18.84 -24.77 5.44
C THR A 221 17.34 -24.55 5.66
N SER A 222 16.63 -25.59 6.08
CA SER A 222 15.19 -25.50 6.32
C SER A 222 14.83 -24.56 7.46
N ALA A 223 13.56 -24.18 7.51
CA ALA A 223 13.04 -23.31 8.55
C ALA A 223 13.25 -23.91 9.93
N GLN A 224 12.95 -25.19 10.09
CA GLN A 224 13.12 -25.83 11.39
C GLN A 224 14.58 -25.75 11.83
N GLU A 225 15.49 -25.95 10.87
CA GLU A 225 16.92 -25.88 11.16
C GLU A 225 17.32 -24.46 11.55
N VAL A 226 16.78 -23.48 10.85
CA VAL A 226 17.12 -22.11 11.16
C VAL A 226 16.70 -21.78 12.58
N VAL A 227 15.52 -22.22 12.97
CA VAL A 227 15.06 -21.91 14.31
C VAL A 227 15.85 -22.71 15.36
N LYS A 228 16.40 -23.83 14.96
CA LYS A 228 17.18 -24.60 15.91
C LYS A 228 18.51 -23.86 16.09
N GLU A 229 19.03 -23.28 15.02
CA GLU A 229 20.28 -22.54 15.10
C GLU A 229 20.07 -21.38 16.07
N ILE A 230 18.94 -20.69 15.93
CA ILE A 230 18.65 -19.56 16.81
C ILE A 230 18.59 -19.97 18.29
N ARG A 231 17.79 -20.99 18.58
CA ARG A 231 17.66 -21.47 19.93
C ARG A 231 19.02 -21.92 20.48
N PHE A 232 19.80 -22.60 19.64
CA PHE A 232 21.13 -23.05 20.04
C PHE A 232 22.02 -21.86 20.44
N ARG A 233 22.07 -20.85 19.56
CA ARG A 233 22.89 -19.68 19.85
C ARG A 233 22.45 -19.01 21.15
N ILE A 234 21.15 -18.93 21.37
CA ILE A 234 20.63 -18.32 22.59
C ILE A 234 21.04 -19.08 23.84
N GLU A 235 20.87 -20.40 23.82
CA GLU A 235 21.22 -21.19 24.99
C GLU A 235 22.72 -21.16 25.26
N GLN A 236 23.52 -21.04 24.21
CA GLN A 236 24.97 -21.01 24.34
C GLN A 236 25.47 -19.68 24.88
N LYS A 237 24.74 -18.62 24.60
CA LYS A 237 25.14 -17.31 25.04
C LYS A 237 24.56 -16.96 26.39
N THR A 238 23.32 -17.33 26.58
CA THR A 238 22.60 -17.01 27.80
C THR A 238 22.40 -18.13 28.81
N THR A 239 22.61 -19.38 28.37
CA THR A 239 22.42 -20.52 29.26
C THR A 239 20.93 -20.83 29.32
N LEU A 240 20.13 -19.95 28.75
CA LEU A 240 18.69 -20.13 28.77
C LEU A 240 18.09 -20.76 27.52
N THR A 241 16.96 -21.45 27.69
CA THR A 241 16.30 -22.06 26.55
C THR A 241 15.11 -21.23 26.16
N ALA A 242 14.63 -21.50 24.95
CA ALA A 242 13.48 -20.81 24.41
C ALA A 242 12.69 -21.78 23.58
N SER A 243 11.40 -21.52 23.46
CA SER A 243 10.52 -22.33 22.63
C SER A 243 10.25 -21.47 21.40
N ALA A 244 9.62 -22.05 20.37
CA ALA A 244 9.34 -21.29 19.16
C ALA A 244 8.30 -21.95 18.29
N GLY A 245 7.71 -21.11 17.43
CA GLY A 245 6.70 -21.56 16.51
C GLY A 245 7.01 -21.04 15.12
N ILE A 246 6.73 -21.89 14.13
CA ILE A 246 7.01 -21.55 12.74
C ILE A 246 5.73 -21.72 11.94
N ALA A 247 5.32 -20.68 11.20
CA ALA A 247 4.10 -20.78 10.45
C ALA A 247 3.96 -19.70 9.39
N PRO A 248 2.93 -19.81 8.54
CA PRO A 248 2.72 -18.82 7.49
C PRO A 248 2.40 -17.43 7.99
N ASN A 249 1.94 -17.32 9.23
CA ASN A 249 1.65 -15.99 9.80
C ASN A 249 1.86 -15.82 11.31
N THR A 250 1.88 -14.55 11.70
CA THR A 250 2.07 -14.16 13.08
C THR A 250 1.16 -14.84 14.08
N MET A 251 -0.14 -14.90 13.81
CA MET A 251 -1.08 -15.53 14.73
C MET A 251 -0.82 -17.01 14.94
N LEU A 252 -0.69 -17.75 13.84
CA LEU A 252 -0.42 -19.18 13.91
C LEU A 252 0.89 -19.46 14.62
N ALA A 253 1.86 -18.59 14.37
CA ALA A 253 3.18 -18.73 14.95
C ALA A 253 3.14 -18.69 16.46
N LYS A 254 2.43 -17.70 16.99
CA LYS A 254 2.29 -17.52 18.42
C LYS A 254 1.72 -18.80 19.06
N VAL A 255 0.62 -19.30 18.52
CA VAL A 255 0.02 -20.52 19.04
C VAL A 255 1.02 -21.68 18.97
N CYS A 256 1.76 -21.73 17.86
CA CYS A 256 2.75 -22.77 17.60
C CYS A 256 3.83 -22.97 18.66
N SER A 257 4.52 -21.89 19.01
CA SER A 257 5.60 -21.97 19.99
C SER A 257 5.10 -22.52 21.31
N ASP A 258 3.82 -22.36 21.56
CA ASP A 258 3.22 -22.81 22.80
C ASP A 258 3.03 -24.31 22.81
N LYS A 259 3.01 -24.93 21.63
CA LYS A 259 2.78 -26.35 21.54
C LYS A 259 3.80 -27.27 22.23
N ASN A 260 5.07 -27.24 21.81
CA ASN A 260 6.10 -28.09 22.43
C ASN A 260 6.88 -27.27 23.42
N LYS A 261 6.11 -26.57 24.24
CA LYS A 261 6.58 -25.64 25.23
C LYS A 261 8.01 -25.71 25.72
N PRO A 262 8.26 -25.97 27.02
CA PRO A 262 9.69 -25.97 27.35
C PRO A 262 10.68 -26.49 26.30
N ASN A 263 11.47 -25.55 25.77
CA ASN A 263 12.53 -25.80 24.81
C ASN A 263 12.17 -26.65 23.57
N GLY A 264 10.93 -26.56 23.10
CA GLY A 264 10.54 -27.32 21.93
C GLY A 264 10.18 -26.35 20.82
N GLN A 265 9.86 -26.85 19.65
CA GLN A 265 9.49 -25.95 18.56
C GLN A 265 8.61 -26.75 17.66
N TYR A 266 7.58 -26.11 17.15
CA TYR A 266 6.67 -26.79 16.27
C TYR A 266 6.42 -25.90 15.06
N GLN A 267 6.21 -26.54 13.91
CA GLN A 267 5.92 -25.79 12.70
C GLN A 267 4.68 -26.30 11.99
N ILE A 268 4.00 -25.38 11.33
CA ILE A 268 2.83 -25.66 10.49
C ILE A 268 3.31 -25.34 9.07
N LEU A 269 3.26 -26.31 8.16
CA LEU A 269 3.74 -26.09 6.82
C LEU A 269 2.84 -25.19 5.97
N PRO A 270 3.43 -24.45 5.01
CA PRO A 270 2.79 -23.51 4.07
C PRO A 270 1.69 -24.05 3.15
N ASN A 271 0.90 -25.02 3.62
CA ASN A 271 -0.23 -25.53 2.81
C ASN A 271 -1.55 -25.32 3.58
N ARG A 272 -2.61 -24.88 2.90
CA ARG A 272 -3.92 -24.62 3.52
C ARG A 272 -4.40 -25.76 4.39
N GLN A 273 -4.27 -26.99 3.90
CA GLN A 273 -4.70 -28.18 4.63
C GLN A 273 -4.07 -28.26 6.02
N ALA A 274 -2.76 -28.03 6.11
CA ALA A 274 -2.08 -28.08 7.39
C ALA A 274 -2.61 -26.95 8.28
N VAL A 275 -2.88 -25.80 7.68
CA VAL A 275 -3.40 -24.66 8.42
C VAL A 275 -4.78 -24.96 9.00
N MET A 276 -5.69 -25.41 8.14
CA MET A 276 -7.05 -25.73 8.57
C MET A 276 -7.07 -26.95 9.52
N ASP A 277 -6.13 -27.88 9.34
CA ASP A 277 -6.06 -29.06 10.20
C ASP A 277 -5.68 -28.68 11.62
N PHE A 278 -4.80 -27.69 11.73
CA PHE A 278 -4.32 -27.21 13.01
C PHE A 278 -5.42 -26.42 13.70
N ILE A 279 -6.15 -25.64 12.91
CA ILE A 279 -7.23 -24.78 13.39
C ILE A 279 -8.50 -25.54 13.80
N LYS A 280 -8.62 -26.76 13.32
CA LYS A 280 -9.78 -27.61 13.62
C LYS A 280 -9.94 -27.93 15.10
N ASP A 281 -10.96 -27.34 15.72
CA ASP A 281 -11.25 -27.57 17.13
C ASP A 281 -10.23 -26.94 18.11
N LEU A 282 -9.26 -26.18 17.59
CA LEU A 282 -8.25 -25.52 18.42
C LEU A 282 -9.00 -24.76 19.49
N PRO A 283 -8.83 -25.14 20.76
CA PRO A 283 -9.56 -24.38 21.77
C PRO A 283 -9.35 -22.88 21.72
N ILE A 284 -10.44 -22.13 21.79
CA ILE A 284 -10.36 -20.67 21.78
C ILE A 284 -9.43 -20.16 22.90
N ARG A 285 -9.41 -20.88 24.02
CA ARG A 285 -8.57 -20.47 25.14
C ARG A 285 -7.08 -20.49 24.79
N LYS A 286 -6.72 -21.23 23.74
CA LYS A 286 -5.32 -21.31 23.30
C LYS A 286 -5.02 -20.27 22.22
N VAL A 287 -5.99 -19.41 21.94
CA VAL A 287 -5.78 -18.38 20.93
C VAL A 287 -5.56 -17.04 21.62
N SER A 288 -4.30 -16.69 21.83
CA SER A 288 -3.95 -15.44 22.46
C SER A 288 -4.33 -14.34 21.48
N GLY A 289 -5.13 -13.39 21.95
CA GLY A 289 -5.58 -12.32 21.10
C GLY A 289 -7.02 -12.07 21.46
N ILE A 290 -7.71 -13.15 21.81
CA ILE A 290 -9.09 -13.08 22.25
C ILE A 290 -8.99 -12.80 23.73
N GLY A 291 -9.57 -11.70 24.18
CA GLY A 291 -9.50 -11.36 25.59
C GLY A 291 -10.23 -12.32 26.51
N LYS A 292 -9.90 -12.29 27.80
CA LYS A 292 -10.53 -13.14 28.79
C LYS A 292 -12.02 -12.89 28.82
N VAL A 293 -12.39 -11.60 28.78
CA VAL A 293 -13.79 -11.22 28.81
C VAL A 293 -14.52 -11.70 27.56
N THR A 294 -13.90 -11.51 26.39
CA THR A 294 -14.52 -11.94 25.15
C THR A 294 -14.68 -13.46 25.18
N GLU A 295 -13.69 -14.14 25.73
CA GLU A 295 -13.73 -15.59 25.83
C GLU A 295 -14.92 -15.99 26.70
N LYS A 296 -15.16 -15.23 27.76
CA LYS A 296 -16.26 -15.48 28.68
C LYS A 296 -17.61 -15.36 27.97
N MET A 297 -17.75 -14.31 27.16
CA MET A 297 -18.99 -14.14 26.44
C MET A 297 -19.15 -15.27 25.43
N LEU A 298 -18.04 -15.66 24.80
CA LEU A 298 -18.11 -16.75 23.83
C LEU A 298 -18.56 -18.04 24.50
N LYS A 299 -18.12 -18.28 25.73
CA LYS A 299 -18.52 -19.48 26.43
C LYS A 299 -20.04 -19.51 26.62
N ALA A 300 -20.62 -18.39 27.03
CA ALA A 300 -22.05 -18.28 27.25
C ALA A 300 -22.85 -18.66 26.00
N LEU A 301 -22.27 -18.41 24.83
CA LEU A 301 -22.95 -18.78 23.59
C LEU A 301 -22.57 -20.22 23.26
N GLY A 302 -21.86 -20.86 24.20
CA GLY A 302 -21.43 -22.24 24.01
C GLY A 302 -20.32 -22.41 22.98
N ILE A 303 -19.54 -21.35 22.77
CA ILE A 303 -18.46 -21.38 21.78
C ILE A 303 -17.08 -21.57 22.39
N ILE A 304 -16.40 -22.65 21.99
CA ILE A 304 -15.08 -22.96 22.50
C ILE A 304 -14.02 -23.09 21.43
N THR A 305 -14.20 -24.07 20.55
CA THR A 305 -13.24 -24.32 19.50
C THR A 305 -13.36 -23.30 18.37
N CYS A 306 -12.26 -23.12 17.64
CA CYS A 306 -12.22 -22.16 16.55
C CYS A 306 -13.15 -22.57 15.43
N THR A 307 -13.49 -23.85 15.35
CA THR A 307 -14.40 -24.32 14.31
C THR A 307 -15.78 -23.73 14.56
N GLU A 308 -16.23 -23.81 15.81
CA GLU A 308 -17.53 -23.30 16.19
C GLU A 308 -17.52 -21.80 15.94
N LEU A 309 -16.34 -21.22 16.04
CA LEU A 309 -16.17 -19.79 15.84
C LEU A 309 -16.49 -19.46 14.40
N TYR A 310 -16.24 -20.41 13.52
CA TYR A 310 -16.53 -20.21 12.10
C TYR A 310 -17.99 -20.49 11.82
N GLN A 311 -18.49 -21.57 12.42
CA GLN A 311 -19.87 -21.98 12.24
C GLN A 311 -20.84 -20.84 12.59
N GLN A 312 -20.63 -20.23 13.75
CA GLN A 312 -21.52 -19.15 14.18
C GLN A 312 -21.06 -17.76 13.78
N ARG A 313 -20.35 -17.66 12.66
CA ARG A 313 -19.86 -16.37 12.20
C ARG A 313 -20.96 -15.33 11.92
N ALA A 314 -22.09 -15.76 11.38
CA ALA A 314 -23.19 -14.84 11.07
C ALA A 314 -23.75 -14.20 12.32
N LEU A 315 -24.01 -15.02 13.33
CA LEU A 315 -24.55 -14.53 14.60
C LEU A 315 -23.52 -13.64 15.30
N LEU A 316 -22.24 -13.95 15.13
CA LEU A 316 -21.18 -13.16 15.77
C LEU A 316 -21.03 -11.75 15.19
N SER A 317 -21.23 -11.58 13.88
CA SER A 317 -21.08 -10.25 13.29
C SER A 317 -22.20 -9.33 13.78
N LEU A 318 -23.30 -9.93 14.21
CA LEU A 318 -24.43 -9.16 14.71
C LEU A 318 -24.28 -8.85 16.18
N LEU A 319 -23.60 -9.72 16.93
CA LEU A 319 -23.47 -9.51 18.36
C LEU A 319 -22.21 -8.82 18.92
N PHE A 320 -21.05 -9.16 18.38
CA PHE A 320 -19.79 -8.59 18.84
C PHE A 320 -19.35 -7.36 18.07
N SER A 321 -18.37 -6.64 18.63
CA SER A 321 -17.84 -5.45 17.98
C SER A 321 -17.27 -5.84 16.64
N GLU A 322 -17.24 -4.88 15.72
CA GLU A 322 -16.70 -5.15 14.40
C GLU A 322 -15.26 -5.66 14.53
N THR A 323 -14.51 -5.01 15.40
CA THR A 323 -13.13 -5.37 15.64
C THR A 323 -13.00 -6.82 16.13
N SER A 324 -13.94 -7.24 16.98
CA SER A 324 -13.91 -8.58 17.52
C SER A 324 -14.30 -9.69 16.55
N TRP A 325 -15.36 -9.51 15.75
CA TRP A 325 -15.71 -10.60 14.84
C TRP A 325 -14.79 -10.66 13.64
N HIS A 326 -14.16 -9.54 13.30
CA HIS A 326 -13.21 -9.52 12.19
C HIS A 326 -12.09 -10.45 12.64
N TYR A 327 -11.68 -10.28 13.89
CA TYR A 327 -10.63 -11.09 14.48
C TYR A 327 -11.08 -12.55 14.48
N PHE A 328 -12.31 -12.78 14.91
CA PHE A 328 -12.87 -14.12 14.97
C PHE A 328 -12.76 -14.81 13.61
N LEU A 329 -13.20 -14.10 12.56
CA LEU A 329 -13.18 -14.66 11.22
C LEU A 329 -11.78 -15.06 10.79
N HIS A 330 -10.81 -14.15 10.98
CA HIS A 330 -9.42 -14.41 10.64
C HIS A 330 -8.90 -15.65 11.37
N ILE A 331 -9.18 -15.73 12.68
CA ILE A 331 -8.74 -16.86 13.47
C ILE A 331 -9.28 -18.16 12.88
N SER A 332 -10.60 -18.20 12.69
CA SER A 332 -11.26 -19.39 12.17
C SER A 332 -10.77 -19.75 10.78
N LEU A 333 -10.13 -18.82 10.10
CA LEU A 333 -9.58 -19.08 8.77
C LEU A 333 -8.06 -19.24 8.83
N GLY A 334 -7.54 -19.33 10.04
CA GLY A 334 -6.10 -19.50 10.22
C GLY A 334 -5.32 -18.41 9.55
N LEU A 335 -5.86 -17.19 9.57
CA LEU A 335 -5.19 -16.06 8.95
C LEU A 335 -4.64 -15.09 9.99
N GLY A 336 -3.54 -14.43 9.65
CA GLY A 336 -2.92 -13.46 10.53
C GLY A 336 -1.94 -12.63 9.73
N SER A 337 -1.19 -11.75 10.39
CA SER A 337 -0.22 -10.92 9.70
C SER A 337 0.87 -11.76 9.03
N THR A 338 1.17 -11.44 7.77
CA THR A 338 2.19 -12.16 7.04
C THR A 338 3.50 -11.37 6.97
N HIS A 339 3.47 -10.15 7.52
CA HIS A 339 4.67 -9.32 7.59
C HIS A 339 4.63 -8.54 8.90
N LEU A 340 5.80 -8.09 9.35
CA LEU A 340 5.91 -7.35 10.61
C LEU A 340 6.05 -5.85 10.36
N GLY A 344 12.86 -3.25 5.25
CA GLY A 344 13.29 -1.86 5.15
C GLY A 344 14.57 -1.73 5.95
N LYS A 347 19.12 0.01 7.70
CA LYS A 347 19.85 -0.48 8.86
C LYS A 347 21.17 -1.09 8.42
N SER A 348 21.14 -2.00 7.45
CA SER A 348 22.37 -2.62 7.02
C SER A 348 22.55 -2.81 5.54
N MET A 349 23.83 -2.75 5.17
CA MET A 349 24.34 -2.96 3.84
C MET A 349 25.57 -3.74 4.26
N SER A 350 25.67 -4.99 3.83
CA SER A 350 26.81 -5.78 4.25
C SER A 350 27.40 -6.75 3.26
N VAL A 351 28.64 -7.13 3.55
CA VAL A 351 29.38 -8.09 2.76
C VAL A 351 29.92 -9.08 3.78
N GLU A 352 30.48 -10.19 3.30
CA GLU A 352 30.99 -11.21 4.19
C GLU A 352 31.54 -12.39 3.40
N ARG A 353 32.78 -12.76 3.69
CA ARG A 353 33.39 -13.88 3.01
C ARG A 353 33.80 -14.97 3.98
N THR A 354 33.60 -16.22 3.59
CA THR A 354 33.99 -17.38 4.41
C THR A 354 35.15 -18.01 3.66
N PHE A 355 36.13 -18.53 4.39
CA PHE A 355 37.31 -19.08 3.75
C PHE A 355 38.05 -20.04 4.65
N SER A 356 39.07 -20.66 4.06
CA SER A 356 39.94 -21.59 4.77
C SER A 356 40.80 -20.69 5.65
N GLU A 357 41.26 -21.22 6.79
CA GLU A 357 42.05 -20.44 7.75
C GLU A 357 43.03 -19.42 7.19
N ILE A 358 42.87 -18.18 7.67
CA ILE A 358 43.76 -17.08 7.31
C ILE A 358 44.25 -16.56 8.65
N ASN A 359 45.56 -16.47 8.83
CA ASN A 359 46.10 -16.00 10.08
C ASN A 359 47.19 -14.96 9.97
N LYS A 360 47.64 -14.70 8.74
CA LYS A 360 48.68 -13.70 8.52
C LYS A 360 48.03 -12.33 8.32
N ALA A 361 48.37 -11.38 9.20
CA ALA A 361 47.80 -10.04 9.17
C ALA A 361 47.73 -9.38 7.80
N GLU A 362 48.80 -9.47 7.02
CA GLU A 362 48.80 -8.88 5.70
C GLU A 362 47.55 -9.34 4.97
N GLU A 363 47.37 -10.66 4.92
CA GLU A 363 46.23 -11.28 4.26
C GLU A 363 44.90 -10.78 4.81
N GLN A 364 44.83 -10.60 6.13
CA GLN A 364 43.60 -10.15 6.76
C GLN A 364 43.21 -8.72 6.39
N TYR A 365 44.19 -7.85 6.23
CA TYR A 365 43.93 -6.44 5.89
C TYR A 365 43.52 -6.21 4.45
N SER A 366 44.31 -6.74 3.53
CA SER A 366 44.00 -6.56 2.12
C SER A 366 42.65 -7.16 1.81
N LEU A 367 42.25 -8.15 2.59
CA LEU A 367 40.94 -8.78 2.40
C LEU A 367 39.88 -7.80 2.88
N CYS A 368 40.19 -7.11 3.97
CA CYS A 368 39.29 -6.13 4.56
C CYS A 368 39.15 -5.00 3.56
N GLN A 369 40.20 -4.77 2.79
CA GLN A 369 40.20 -3.70 1.80
C GLN A 369 39.41 -4.09 0.55
N GLU A 370 39.58 -5.32 0.08
CA GLU A 370 38.83 -5.73 -1.11
C GLU A 370 37.42 -6.12 -0.73
N LEU A 371 37.08 -5.88 0.54
CA LEU A 371 35.77 -6.19 1.07
C LEU A 371 35.02 -4.89 1.28
N CYS A 372 35.74 -3.89 1.77
CA CYS A 372 35.18 -2.57 2.00
C CYS A 372 34.95 -1.98 0.63
N SER A 373 35.69 -2.49 -0.33
CA SER A 373 35.58 -2.02 -1.71
C SER A 373 34.41 -2.75 -2.36
N GLU A 374 34.14 -3.95 -1.86
CA GLU A 374 33.04 -4.73 -2.42
C GLU A 374 31.72 -4.02 -2.09
N LEU A 375 31.84 -2.98 -1.27
CA LEU A 375 30.69 -2.18 -0.86
C LEU A 375 30.43 -1.10 -1.90
N ALA A 376 30.63 -1.48 -3.16
CA ALA A 376 30.41 -0.60 -4.29
C ALA A 376 28.94 -0.29 -4.30
N GLN A 377 28.15 -1.18 -3.69
CA GLN A 377 26.70 -1.03 -3.59
C GLN A 377 26.44 0.33 -2.97
N ASP A 378 26.66 1.38 -3.77
CA ASP A 378 26.47 2.74 -3.33
C ASP A 378 24.99 3.02 -3.19
N LEU A 379 24.41 3.66 -4.21
CA LEU A 379 23.00 3.99 -4.20
C LEU A 379 22.67 4.85 -2.98
N GLN A 380 23.71 5.21 -2.22
CA GLN A 380 23.61 6.03 -1.01
C GLN A 380 23.60 5.16 0.25
N LEU A 384 34.35 4.53 0.58
CA LEU A 384 33.17 5.40 0.27
C LEU A 384 31.90 5.67 1.07
N LYS A 385 31.89 6.09 2.36
CA LYS A 385 30.49 6.70 2.66
C LYS A 385 29.84 7.00 4.06
N GLY A 386 28.98 6.22 4.73
CA GLY A 386 28.42 6.75 5.98
C GLY A 386 28.38 5.82 7.20
N ARG A 387 28.16 6.53 8.30
CA ARG A 387 28.07 6.14 9.73
C ARG A 387 28.34 4.70 10.16
N THR A 388 28.04 4.29 11.46
CA THR A 388 28.46 2.92 12.15
C THR A 388 29.10 1.66 11.31
N VAL A 389 30.46 1.48 11.15
CA VAL A 389 31.01 0.34 10.32
C VAL A 389 31.32 -0.93 11.14
N THR A 390 30.27 -1.66 11.52
CA THR A 390 30.35 -2.89 12.30
C THR A 390 31.16 -3.98 11.60
N ILE A 391 32.04 -4.64 12.34
CA ILE A 391 32.87 -5.73 11.81
C ILE A 391 32.38 -7.07 12.33
N LYS A 392 32.59 -8.13 11.53
CA LYS A 392 32.18 -9.46 11.94
C LYS A 392 33.30 -10.47 11.68
N LEU A 393 33.59 -11.29 12.69
CA LEU A 393 34.65 -12.28 12.55
C LEU A 393 34.27 -13.65 13.12
N LYS A 394 34.86 -14.69 12.56
CA LYS A 394 34.64 -16.06 13.03
C LYS A 394 35.99 -16.76 13.03
N ASN A 395 36.44 -17.20 14.20
CA ASN A 395 37.73 -17.86 14.28
C ASN A 395 37.68 -19.30 13.79
N VAL A 396 38.80 -19.99 13.94
CA VAL A 396 38.95 -21.36 13.48
C VAL A 396 38.05 -22.41 14.19
N ASN A 397 37.43 -22.03 15.31
CA ASN A 397 36.55 -22.94 16.04
C ASN A 397 35.10 -22.47 15.87
N PHE A 398 34.93 -21.51 14.96
CA PHE A 398 33.64 -20.92 14.66
C PHE A 398 32.98 -20.21 15.84
N GLU A 399 33.79 -19.38 16.51
CA GLU A 399 33.34 -18.55 17.61
C GLU A 399 33.03 -17.21 16.94
N VAL A 400 31.89 -16.62 17.26
CA VAL A 400 31.52 -15.35 16.65
C VAL A 400 31.92 -14.16 17.51
N LYS A 401 32.35 -13.09 16.84
CA LYS A 401 32.74 -11.87 17.53
C LYS A 401 32.47 -10.68 16.63
N THR A 402 31.57 -9.82 17.08
CA THR A 402 31.20 -8.62 16.35
C THR A 402 31.63 -7.39 17.12
N ARG A 403 32.23 -6.42 16.44
CA ARG A 403 32.72 -5.21 17.07
C ARG A 403 32.60 -4.01 16.12
N ALA A 404 31.95 -2.95 16.59
CA ALA A 404 31.74 -1.76 15.75
C ALA A 404 32.21 -0.43 16.34
N SER A 405 32.04 0.63 15.54
CA SER A 405 32.42 1.97 15.94
C SER A 405 31.64 3.01 15.15
N VAL A 407 28.84 2.74 18.20
CA VAL A 407 28.14 3.94 17.85
C VAL A 407 29.00 5.07 17.31
N SER A 408 29.65 4.79 16.17
CA SER A 408 29.83 6.02 15.34
C SER A 408 31.08 6.81 14.90
N SER A 409 30.95 7.47 13.78
CA SER A 409 31.91 8.39 13.22
C SER A 409 31.03 9.41 12.53
N VAL A 410 31.61 10.55 12.23
CA VAL A 410 30.86 11.63 11.66
C VAL A 410 31.65 12.53 10.71
N VAL A 411 30.93 12.73 9.64
CA VAL A 411 31.14 13.47 8.38
C VAL A 411 32.16 14.58 8.14
N SER A 412 32.63 14.61 6.90
CA SER A 412 33.48 15.74 6.52
C SER A 412 34.09 15.58 5.14
N THR A 413 34.52 16.74 4.70
CA THR A 413 35.18 17.02 3.45
C THR A 413 36.59 16.40 3.38
N GLU A 416 35.64 6.87 5.15
CA GLU A 416 35.66 5.59 4.51
C GLU A 416 35.51 4.47 5.51
N ILE A 417 35.00 3.44 4.82
CA ILE A 417 34.67 2.12 5.31
C ILE A 417 35.91 1.45 5.93
N PHE A 418 36.92 1.30 5.08
CA PHE A 418 38.20 0.69 5.41
C PHE A 418 38.84 1.32 6.63
N ALA A 419 39.05 2.63 6.57
CA ALA A 419 39.67 3.39 7.65
C ALA A 419 39.12 3.02 9.02
N ILE A 420 37.86 2.60 9.05
CA ILE A 420 37.23 2.20 10.29
C ILE A 420 37.37 0.69 10.48
N ALA A 421 37.33 -0.04 9.36
CA ALA A 421 37.47 -1.50 9.39
C ALA A 421 38.89 -1.88 9.84
N LYS A 422 39.88 -1.15 9.33
CA LYS A 422 41.28 -1.36 9.68
C LYS A 422 41.41 -1.33 11.20
N GLU A 423 40.96 -0.23 11.78
CA GLU A 423 41.03 0.00 13.22
C GLU A 423 40.29 -1.04 14.05
N LEU A 424 39.08 -1.40 13.62
CA LEU A 424 38.31 -2.41 14.34
C LEU A 424 38.98 -3.76 14.15
N LEU A 425 39.68 -3.92 13.03
CA LEU A 425 40.35 -5.17 12.73
C LEU A 425 41.72 -5.19 13.43
N LYS A 426 42.40 -4.05 13.42
CA LYS A 426 43.72 -3.93 14.03
C LYS A 426 43.66 -4.26 15.51
N THR A 427 42.71 -3.68 16.22
CA THR A 427 42.58 -3.92 17.64
C THR A 427 42.19 -5.37 17.87
N GLU A 428 41.91 -6.10 16.81
CA GLU A 428 41.55 -7.51 16.94
C GLU A 428 42.79 -8.37 16.77
N ILE A 429 43.66 -7.97 15.86
CA ILE A 429 44.90 -8.69 15.65
C ILE A 429 45.65 -8.50 16.97
N ASP A 430 45.49 -7.31 17.55
CA ASP A 430 46.09 -7.00 18.84
C ASP A 430 45.02 -7.32 19.87
N ALA A 431 45.03 -8.57 20.31
CA ALA A 431 44.09 -9.11 21.29
C ALA A 431 44.69 -10.48 21.36
N ASP A 432 45.20 -10.85 22.53
CA ASP A 432 45.91 -12.11 22.65
C ASP A 432 47.01 -11.77 21.63
N PHE A 433 47.31 -10.47 21.57
CA PHE A 433 48.30 -9.87 20.68
C PHE A 433 49.47 -10.74 20.30
N PRO A 434 49.94 -11.60 21.22
CA PRO A 434 51.06 -12.45 20.82
C PRO A 434 50.56 -13.51 19.83
N HIS A 435 49.40 -14.09 20.13
CA HIS A 435 48.79 -15.10 19.25
C HIS A 435 48.10 -14.44 18.06
N PRO A 436 48.33 -14.94 16.84
CA PRO A 436 47.70 -14.34 15.67
C PRO A 436 46.20 -14.68 15.63
N LEU A 437 45.46 -13.91 14.84
CA LEU A 437 44.03 -14.13 14.69
C LEU A 437 43.83 -15.19 13.61
N ARG A 438 43.19 -16.30 13.98
CA ARG A 438 42.94 -17.40 13.05
C ARG A 438 41.49 -17.33 12.56
N LEU A 439 41.32 -16.88 11.33
CA LEU A 439 39.98 -16.69 10.75
C LEU A 439 39.47 -17.65 9.69
N ARG A 440 38.15 -17.76 9.65
CA ARG A 440 37.45 -18.59 8.68
C ARG A 440 36.39 -17.69 8.04
N LEU A 441 36.09 -16.58 8.73
CA LEU A 441 35.07 -15.64 8.27
C LEU A 441 35.33 -14.16 8.61
N MET A 442 35.10 -13.27 7.65
CA MET A 442 35.25 -11.82 7.84
C MET A 442 34.12 -11.06 7.13
N GLY A 443 33.50 -10.11 7.83
CA GLY A 443 32.43 -9.34 7.24
C GLY A 443 32.37 -7.91 7.73
N VAL A 444 31.90 -7.01 6.86
CA VAL A 444 31.78 -5.59 7.18
C VAL A 444 30.36 -5.10 6.88
N ARG A 445 29.79 -4.32 7.80
CA ARG A 445 28.42 -3.81 7.66
C ARG A 445 28.19 -2.37 8.14
N ILE A 446 27.69 -1.51 7.25
CA ILE A 446 27.38 -0.11 7.60
C ILE A 446 26.01 -0.09 8.27
N SER A 447 25.77 0.80 9.24
CA SER A 447 24.47 0.77 9.90
C SER A 447 23.79 2.04 10.44
N SER A 448 24.52 3.12 10.69
CA SER A 448 23.83 4.31 11.19
C SER A 448 23.07 5.01 10.06
N THR B 8 -5.78 -3.44 -58.35
CA THR B 8 -5.76 -2.51 -57.20
C THR B 8 -7.15 -2.36 -56.57
N SER B 9 -8.17 -2.79 -57.30
CA SER B 9 -9.52 -2.73 -56.81
C SER B 9 -9.69 -3.97 -55.93
N GLN B 10 -8.75 -4.91 -56.09
CA GLN B 10 -8.76 -6.13 -55.30
C GLN B 10 -8.09 -5.81 -53.96
N GLN B 11 -7.05 -4.97 -54.01
CA GLN B 11 -6.36 -4.59 -52.79
C GLN B 11 -7.34 -3.81 -51.93
N LEU B 12 -8.24 -3.08 -52.59
CA LEU B 12 -9.25 -2.29 -51.89
C LEU B 12 -10.35 -3.16 -51.30
N ARG B 13 -10.74 -4.21 -52.01
CA ARG B 13 -11.79 -5.07 -51.52
C ARG B 13 -11.28 -5.86 -50.33
N LYS B 14 -10.04 -6.30 -50.41
CA LYS B 14 -9.49 -7.06 -49.31
C LYS B 14 -9.26 -6.14 -48.12
N ALA B 15 -8.92 -4.89 -48.37
CA ALA B 15 -8.69 -3.95 -47.29
C ALA B 15 -10.00 -3.74 -46.56
N GLN B 16 -11.06 -3.51 -47.34
CA GLN B 16 -12.37 -3.28 -46.76
C GLN B 16 -12.83 -4.48 -45.93
N LEU B 17 -12.59 -5.68 -46.45
CA LEU B 17 -12.99 -6.91 -45.76
C LEU B 17 -12.35 -6.97 -44.37
N GLN B 18 -11.04 -6.71 -44.35
CA GLN B 18 -10.27 -6.71 -43.12
C GLN B 18 -10.72 -5.61 -42.17
N VAL B 19 -10.99 -4.41 -42.70
CA VAL B 19 -11.42 -3.33 -41.84
C VAL B 19 -12.79 -3.60 -41.23
N ASP B 20 -13.69 -4.21 -42.01
CA ASP B 20 -15.02 -4.51 -41.50
C ASP B 20 -14.89 -5.51 -40.36
N ARG B 21 -13.98 -6.47 -40.50
CA ARG B 21 -13.80 -7.46 -39.44
C ARG B 21 -13.51 -6.70 -38.18
N PHE B 22 -12.51 -5.82 -38.25
CA PHE B 22 -12.13 -5.02 -37.10
C PHE B 22 -13.28 -4.15 -36.60
N ALA B 23 -13.94 -3.44 -37.52
CA ALA B 23 -15.06 -2.57 -37.16
C ALA B 23 -16.16 -3.37 -36.44
N MET B 24 -16.31 -4.63 -36.81
CA MET B 24 -17.31 -5.46 -36.18
C MET B 24 -16.89 -5.76 -34.75
N GLU B 25 -15.59 -5.67 -34.52
CA GLU B 25 -15.02 -5.94 -33.20
C GLU B 25 -15.42 -4.84 -32.23
N LEU B 26 -15.21 -3.61 -32.67
CA LEU B 26 -15.53 -2.46 -31.85
C LEU B 26 -17.02 -2.41 -31.56
N GLU B 27 -17.82 -2.78 -32.56
CA GLU B 27 -19.28 -2.79 -32.40
C GLU B 27 -19.68 -3.74 -31.29
N GLN B 28 -19.00 -4.88 -31.23
CA GLN B 28 -19.29 -5.87 -30.21
C GLN B 28 -18.95 -5.32 -28.84
N SER B 29 -17.86 -4.57 -28.76
CA SER B 29 -17.46 -4.00 -27.49
C SER B 29 -17.91 -2.56 -27.24
N ARG B 30 -18.86 -2.08 -28.03
CA ARG B 30 -19.36 -0.72 -27.87
C ARG B 30 -20.03 -0.58 -26.50
N ASN B 31 -19.46 0.28 -25.66
CA ASN B 31 -19.96 0.50 -24.32
C ASN B 31 -20.81 1.78 -24.24
N LEU B 32 -22.10 1.65 -23.93
CA LEU B 32 -22.97 2.81 -23.81
C LEU B 32 -23.56 2.94 -22.41
N SER B 33 -22.92 2.30 -21.44
CA SER B 33 -23.42 2.34 -20.07
C SER B 33 -22.98 3.55 -19.27
N ASN B 34 -22.01 4.31 -19.77
CA ASN B 34 -21.54 5.49 -19.06
C ASN B 34 -22.19 6.77 -19.60
N THR B 35 -22.22 7.79 -18.75
CA THR B 35 -22.78 9.11 -19.11
C THR B 35 -21.71 10.16 -18.86
N ILE B 36 -21.34 10.87 -19.92
CA ILE B 36 -20.33 11.89 -19.84
C ILE B 36 -20.93 13.24 -20.22
N VAL B 37 -20.48 14.28 -19.54
CA VAL B 37 -20.99 15.62 -19.79
C VAL B 37 -19.87 16.61 -20.10
N HIS B 38 -20.07 17.40 -21.14
CA HIS B 38 -19.12 18.42 -21.51
C HIS B 38 -19.86 19.73 -21.28
N ILE B 39 -19.33 20.59 -20.41
CA ILE B 39 -19.93 21.87 -20.16
C ILE B 39 -19.02 22.97 -20.67
N ASP B 40 -19.61 23.94 -21.34
CA ASP B 40 -18.86 25.04 -21.92
C ASP B 40 -19.62 26.33 -21.64
N MET B 41 -19.06 27.15 -20.74
CA MET B 41 -19.66 28.42 -20.36
C MET B 41 -19.83 29.34 -21.57
N ASP B 42 -20.98 30.00 -21.62
CA ASP B 42 -21.34 30.93 -22.69
C ASP B 42 -20.61 32.28 -22.61
N ALA B 43 -19.76 32.56 -23.60
CA ALA B 43 -19.01 33.82 -23.67
C ALA B 43 -18.53 34.27 -22.28
N PHE B 44 -17.98 33.30 -21.56
CA PHE B 44 -17.51 33.46 -20.19
C PHE B 44 -17.00 34.82 -19.70
N TYR B 45 -15.92 35.30 -20.28
CA TYR B 45 -15.35 36.58 -19.89
C TYR B 45 -16.34 37.72 -19.97
N ALA B 46 -16.91 37.88 -21.16
CA ALA B 46 -17.86 38.94 -21.38
C ALA B 46 -19.05 38.80 -20.46
N ALA B 47 -19.43 37.56 -20.20
CA ALA B 47 -20.57 37.27 -19.34
C ALA B 47 -20.30 37.72 -17.90
N VAL B 48 -19.07 37.53 -17.44
CA VAL B 48 -18.77 37.95 -16.08
C VAL B 48 -18.74 39.48 -15.96
N GLU B 49 -18.28 40.15 -17.02
CA GLU B 49 -18.24 41.61 -16.99
C GLU B 49 -19.68 42.14 -16.93
N MET B 50 -20.58 41.45 -17.63
CA MET B 50 -21.98 41.83 -17.63
C MET B 50 -22.55 41.59 -16.22
N ARG B 51 -22.06 40.55 -15.57
CA ARG B 51 -22.49 40.23 -14.22
C ARG B 51 -22.12 41.42 -13.33
N ASP B 52 -20.83 41.74 -13.27
CA ASP B 52 -20.31 42.84 -12.45
C ASP B 52 -20.85 44.22 -12.87
N ASN B 53 -20.92 44.47 -14.18
CA ASN B 53 -21.38 45.76 -14.68
C ASN B 53 -22.69 45.62 -15.43
N PRO B 54 -23.78 45.41 -14.68
CA PRO B 54 -25.12 45.24 -15.26
C PRO B 54 -25.45 46.18 -16.40
N GLU B 55 -24.80 47.34 -16.42
CA GLU B 55 -25.07 48.33 -17.47
C GLU B 55 -24.71 47.80 -18.85
N LEU B 56 -23.93 46.72 -18.87
CA LEU B 56 -23.50 46.12 -20.14
C LEU B 56 -24.39 45.00 -20.67
N LYS B 57 -25.38 44.58 -19.87
CA LYS B 57 -26.30 43.50 -20.26
C LYS B 57 -26.87 43.62 -21.67
N ASP B 58 -27.45 44.76 -21.98
CA ASP B 58 -28.07 44.98 -23.27
C ASP B 58 -27.23 45.72 -24.29
N LYS B 59 -25.91 45.62 -24.17
CA LYS B 59 -25.02 46.31 -25.10
C LYS B 59 -23.99 45.37 -25.69
N PRO B 60 -23.40 45.74 -26.84
CA PRO B 60 -22.39 44.93 -27.51
C PRO B 60 -21.05 45.10 -26.82
N ILE B 61 -20.54 44.03 -26.21
CA ILE B 61 -19.26 44.17 -25.54
C ILE B 61 -18.27 43.08 -25.93
N ALA B 62 -17.00 43.37 -25.66
CA ALA B 62 -15.93 42.43 -25.94
C ALA B 62 -14.87 42.64 -24.87
N VAL B 63 -14.24 41.55 -24.47
CA VAL B 63 -13.20 41.57 -23.45
C VAL B 63 -11.86 41.45 -24.16
N GLY B 64 -10.93 42.35 -23.83
CA GLY B 64 -9.61 42.33 -24.43
C GLY B 64 -9.07 43.73 -24.56
N SER B 65 -8.54 44.06 -25.74
CA SER B 65 -7.99 45.38 -25.96
C SER B 65 -8.12 45.79 -27.41
N MET B 66 -7.68 47.01 -27.71
CA MET B 66 -7.75 47.53 -29.06
C MET B 66 -6.94 46.67 -30.01
N SER B 67 -6.10 45.82 -29.45
CA SER B 67 -5.21 44.95 -30.23
C SER B 67 -5.60 43.48 -30.29
N MET B 68 -6.56 43.04 -29.48
CA MET B 68 -7.02 41.65 -29.48
C MET B 68 -8.10 41.35 -28.47
N LEU B 69 -9.18 40.76 -28.95
CA LEU B 69 -10.30 40.38 -28.10
C LEU B 69 -10.20 38.89 -27.83
N SER B 70 -10.85 38.44 -26.76
CA SER B 70 -10.85 37.05 -26.42
C SER B 70 -12.27 36.52 -26.55
N THR B 71 -13.24 37.35 -26.16
CA THR B 71 -14.65 36.95 -26.25
C THR B 71 -15.54 38.18 -26.46
N SER B 72 -16.73 37.94 -26.96
CA SER B 72 -17.68 39.00 -27.20
C SER B 72 -19.06 38.44 -26.85
N ASN B 73 -19.92 39.24 -26.24
CA ASN B 73 -21.25 38.74 -25.94
C ASN B 73 -21.94 38.55 -27.26
N TYR B 74 -23.12 37.92 -27.25
CA TYR B 74 -23.83 37.68 -28.49
C TYR B 74 -24.29 38.93 -29.24
N HIS B 75 -24.47 40.04 -28.54
CA HIS B 75 -24.84 41.27 -29.22
C HIS B 75 -23.70 41.57 -30.19
N ALA B 76 -22.49 41.66 -29.63
CA ALA B 76 -21.30 41.95 -30.43
C ALA B 76 -21.18 41.04 -31.63
N ARG B 77 -21.69 39.81 -31.52
CA ARG B 77 -21.61 38.85 -32.62
C ARG B 77 -22.63 39.09 -33.70
N ARG B 78 -23.73 39.73 -33.35
CA ARG B 78 -24.76 40.02 -34.33
C ARG B 78 -24.12 40.92 -35.37
N PHE B 79 -22.93 41.44 -35.06
CA PHE B 79 -22.19 42.31 -35.97
C PHE B 79 -20.94 41.63 -36.54
N GLY B 80 -20.63 40.45 -36.05
CA GLY B 80 -19.46 39.78 -36.58
C GLY B 80 -18.21 40.00 -35.75
N VAL B 81 -18.40 40.44 -34.51
CA VAL B 81 -17.27 40.64 -33.60
C VAL B 81 -16.88 39.26 -33.09
N ARG B 82 -15.77 38.75 -33.61
CA ARG B 82 -15.32 37.41 -33.27
C ARG B 82 -14.18 37.30 -32.28
N ALA B 83 -13.97 36.09 -31.78
CA ALA B 83 -12.90 35.81 -30.84
C ALA B 83 -11.60 35.85 -31.66
N ALA B 84 -10.56 36.47 -31.10
CA ALA B 84 -9.26 36.58 -31.78
C ALA B 84 -9.28 37.54 -32.99
N MET B 85 -9.78 38.76 -32.77
CA MET B 85 -9.87 39.82 -33.77
C MET B 85 -9.89 41.14 -33.00
N PRO B 86 -9.03 42.10 -33.37
CA PRO B 86 -9.03 43.35 -32.63
C PRO B 86 -10.29 44.15 -32.71
N GLY B 87 -10.51 44.92 -31.65
CA GLY B 87 -11.66 45.78 -31.60
C GLY B 87 -11.55 46.83 -32.67
N PHE B 88 -10.39 46.93 -33.32
CA PHE B 88 -10.28 47.95 -34.34
C PHE B 88 -11.05 47.65 -35.65
N ILE B 89 -10.81 46.50 -36.31
CA ILE B 89 -11.64 46.21 -37.50
C ILE B 89 -13.02 45.87 -36.88
N ALA B 90 -13.00 45.44 -35.64
CA ALA B 90 -14.23 45.05 -34.96
C ALA B 90 -15.07 46.26 -34.58
N LYS B 91 -14.43 47.36 -34.21
CA LYS B 91 -15.14 48.57 -33.84
C LYS B 91 -15.61 49.28 -35.08
N ARG B 92 -15.19 48.80 -36.25
CA ARG B 92 -15.62 49.40 -37.50
C ARG B 92 -16.87 48.64 -37.90
N LEU B 93 -16.98 47.41 -37.42
CA LEU B 93 -18.14 46.55 -37.67
C LEU B 93 -19.19 46.91 -36.62
N CYS B 94 -18.71 47.44 -35.49
CA CYS B 94 -19.58 47.84 -34.39
C CYS B 94 -18.95 49.03 -33.68
N PRO B 95 -19.25 50.25 -34.13
CA PRO B 95 -18.68 51.46 -33.51
C PRO B 95 -19.13 51.65 -32.07
N GLN B 96 -20.28 51.07 -31.74
CA GLN B 96 -20.84 51.17 -30.39
C GLN B 96 -20.28 50.12 -29.42
N LEU B 97 -19.34 49.33 -29.91
CA LEU B 97 -18.72 48.27 -29.12
C LEU B 97 -17.92 48.72 -27.92
N ILE B 98 -18.26 48.18 -26.76
CA ILE B 98 -17.54 48.48 -25.53
C ILE B 98 -16.51 47.35 -25.36
N ILE B 99 -15.22 47.72 -25.34
CA ILE B 99 -14.16 46.75 -25.16
C ILE B 99 -13.60 46.84 -23.75
N VAL B 100 -13.99 45.92 -22.88
CA VAL B 100 -13.53 45.90 -21.50
C VAL B 100 -12.22 45.14 -21.32
N PRO B 101 -11.25 45.75 -20.61
CA PRO B 101 -9.96 45.07 -20.40
C PRO B 101 -10.14 43.93 -19.40
N PRO B 102 -9.49 42.78 -19.65
CA PRO B 102 -9.51 41.56 -18.85
C PRO B 102 -9.01 41.66 -17.42
N ASN B 103 -9.74 41.04 -16.49
CA ASN B 103 -9.34 40.98 -15.09
C ASN B 103 -9.48 39.53 -14.66
N PHE B 104 -8.48 38.73 -15.05
CA PHE B 104 -8.43 37.31 -14.75
C PHE B 104 -8.71 36.95 -13.31
N ASP B 105 -8.40 37.85 -12.40
CA ASP B 105 -8.68 37.55 -11.00
C ASP B 105 -10.16 37.24 -10.84
N LYS B 106 -11.00 38.06 -11.45
CA LYS B 106 -12.45 37.89 -11.36
C LYS B 106 -12.95 36.61 -12.06
N TYR B 107 -12.21 36.19 -13.07
CA TYR B 107 -12.56 35.00 -13.85
C TYR B 107 -12.30 33.73 -13.06
N ARG B 108 -11.07 33.60 -12.58
CA ARG B 108 -10.73 32.43 -11.77
C ARG B 108 -11.74 32.34 -10.63
N ALA B 109 -12.11 33.49 -10.09
CA ALA B 109 -13.08 33.58 -8.99
C ALA B 109 -14.42 32.96 -9.36
N VAL B 110 -14.95 33.34 -10.53
CA VAL B 110 -16.23 32.81 -11.01
C VAL B 110 -16.06 31.34 -11.39
N SER B 111 -14.98 31.06 -12.11
CA SER B 111 -14.69 29.70 -12.52
C SER B 111 -14.65 28.79 -11.29
N LYS B 112 -14.08 29.27 -10.20
CA LYS B 112 -14.00 28.47 -8.98
C LYS B 112 -15.39 28.14 -8.48
N GLU B 113 -16.33 29.08 -8.63
CA GLU B 113 -17.69 28.83 -8.19
C GLU B 113 -18.34 27.76 -9.07
N VAL B 114 -18.02 27.79 -10.36
CA VAL B 114 -18.57 26.79 -11.27
C VAL B 114 -17.99 25.42 -10.91
N LYS B 115 -16.68 25.37 -10.68
CA LYS B 115 -16.03 24.12 -10.30
C LYS B 115 -16.66 23.55 -9.02
N GLU B 116 -16.85 24.40 -8.02
CA GLU B 116 -17.45 23.98 -6.76
C GLU B 116 -18.74 23.20 -7.03
N ILE B 117 -19.53 23.66 -7.99
CA ILE B 117 -20.79 22.99 -8.30
C ILE B 117 -20.58 21.66 -9.03
N LEU B 118 -19.71 21.66 -10.03
CA LEU B 118 -19.44 20.45 -10.80
C LEU B 118 -18.93 19.30 -9.93
N ALA B 119 -18.08 19.62 -8.97
CA ALA B 119 -17.50 18.58 -8.12
C ALA B 119 -18.53 17.80 -7.31
N ASP B 120 -19.73 18.38 -7.15
CA ASP B 120 -20.79 17.69 -6.42
C ASP B 120 -21.29 16.52 -7.23
N TYR B 121 -21.15 16.60 -8.55
CA TYR B 121 -21.62 15.54 -9.44
C TYR B 121 -20.53 14.55 -9.84
N ASP B 122 -19.30 15.03 -9.89
CA ASP B 122 -18.16 14.20 -10.21
C ASP B 122 -16.94 14.87 -9.59
N PRO B 123 -16.59 14.45 -8.36
CA PRO B 123 -15.45 15.00 -7.63
C PRO B 123 -14.17 14.92 -8.45
N ASN B 124 -14.14 13.99 -9.40
CA ASN B 124 -12.97 13.82 -10.25
C ASN B 124 -13.12 14.45 -11.64
N PHE B 125 -14.04 15.41 -11.79
CA PHE B 125 -14.25 16.06 -13.07
C PHE B 125 -12.96 16.75 -13.54
N MET B 126 -12.87 17.02 -14.84
CA MET B 126 -11.68 17.67 -15.40
C MET B 126 -11.95 19.04 -16.01
N ALA B 127 -11.33 20.05 -15.42
CA ALA B 127 -11.47 21.42 -15.93
C ALA B 127 -10.44 21.60 -17.03
N MET B 128 -10.90 21.79 -18.27
CA MET B 128 -9.98 21.98 -19.41
C MET B 128 -9.45 23.41 -19.45
N SER B 129 -10.22 24.33 -18.90
CA SER B 129 -9.85 25.74 -18.87
C SER B 129 -10.78 26.43 -17.87
N LEU B 130 -10.74 27.76 -17.80
CA LEU B 130 -11.60 28.47 -16.87
C LEU B 130 -13.06 28.42 -17.26
N ASP B 131 -13.37 27.88 -18.44
CA ASP B 131 -14.76 27.83 -18.89
C ASP B 131 -15.19 26.55 -19.57
N GLU B 132 -14.32 25.55 -19.60
CA GLU B 132 -14.68 24.29 -20.24
C GLU B 132 -14.32 23.14 -19.33
N ALA B 133 -15.17 22.12 -19.28
CA ALA B 133 -14.88 20.97 -18.43
C ALA B 133 -15.65 19.73 -18.80
N TYR B 134 -15.11 18.58 -18.37
CA TYR B 134 -15.73 17.29 -18.61
C TYR B 134 -16.12 16.71 -17.28
N LEU B 135 -17.20 15.93 -17.30
CA LEU B 135 -17.69 15.25 -16.10
C LEU B 135 -18.10 13.83 -16.46
N ASN B 136 -17.97 12.94 -15.48
CA ASN B 136 -18.41 11.57 -15.67
C ASN B 136 -19.44 11.40 -14.56
N ILE B 137 -20.72 11.62 -14.90
CA ILE B 137 -21.77 11.54 -13.90
C ILE B 137 -22.35 10.14 -13.70
N THR B 138 -21.70 9.14 -14.30
CA THR B 138 -22.17 7.77 -14.21
C THR B 138 -22.46 7.32 -12.77
N LYS B 139 -21.53 7.57 -11.85
CA LYS B 139 -21.72 7.21 -10.44
C LYS B 139 -22.92 7.94 -9.86
N HIS B 140 -22.95 9.25 -10.07
CA HIS B 140 -24.04 10.07 -9.57
C HIS B 140 -25.38 9.50 -9.99
N LEU B 141 -25.47 9.09 -11.25
CA LEU B 141 -26.72 8.55 -11.77
C LEU B 141 -27.21 7.34 -10.99
N GLU B 142 -26.32 6.38 -10.77
CA GLU B 142 -26.68 5.20 -10.02
C GLU B 142 -27.26 5.61 -8.67
N GLU B 143 -26.56 6.50 -7.97
CA GLU B 143 -27.03 6.97 -6.66
C GLU B 143 -28.33 7.76 -6.72
N ARG B 144 -28.43 8.72 -7.64
CA ARG B 144 -29.63 9.55 -7.77
C ARG B 144 -30.90 8.79 -8.09
N GLN B 145 -30.79 7.59 -8.59
CA GLN B 145 -31.98 6.80 -8.92
C GLN B 145 -32.84 6.56 -7.68
N ASN B 146 -32.19 6.51 -6.53
CA ASN B 146 -32.89 6.27 -5.28
C ASN B 146 -32.96 7.52 -4.40
N TRP B 147 -32.73 8.68 -5.01
CA TRP B 147 -32.77 9.95 -4.29
C TRP B 147 -34.17 10.59 -4.24
N PRO B 148 -34.67 10.86 -3.03
CA PRO B 148 -35.97 11.49 -2.84
C PRO B 148 -35.91 12.97 -3.28
N GLU B 149 -37.06 13.59 -3.46
CA GLU B 149 -37.11 14.98 -3.90
C GLU B 149 -36.32 15.99 -3.09
N ASP B 150 -36.27 15.82 -1.78
CA ASP B 150 -35.54 16.78 -0.97
C ASP B 150 -34.05 16.83 -1.30
N LYS B 151 -33.47 15.70 -1.71
CA LYS B 151 -32.06 15.68 -2.05
C LYS B 151 -31.81 16.26 -3.45
N ARG B 152 -32.88 16.72 -4.11
CA ARG B 152 -32.75 17.33 -5.43
C ARG B 152 -33.72 18.46 -5.70
N ARG B 153 -34.02 19.25 -4.66
CA ARG B 153 -34.87 20.41 -4.80
C ARG B 153 -34.03 21.64 -4.51
N TYR B 154 -34.11 22.64 -5.37
CA TYR B 154 -33.35 23.86 -5.17
C TYR B 154 -34.24 25.08 -5.28
N PHE B 155 -33.86 26.15 -4.60
CA PHE B 155 -34.63 27.38 -4.62
C PHE B 155 -34.19 28.33 -5.71
N ILE B 156 -34.99 29.36 -5.94
CA ILE B 156 -34.69 30.33 -6.98
C ILE B 156 -34.44 31.77 -6.52
N LYS B 157 -33.77 32.50 -7.41
CA LYS B 157 -33.36 33.90 -7.30
C LYS B 157 -31.86 34.04 -7.13
N GLN B 214 -37.94 31.52 -1.93
CA GLN B 214 -39.36 31.16 -1.81
C GLN B 214 -39.78 30.08 -2.80
N ASN B 215 -39.46 30.28 -4.07
CA ASN B 215 -39.81 29.31 -5.12
C ASN B 215 -38.72 28.25 -5.27
N SER B 216 -39.13 27.00 -5.45
CA SER B 216 -38.17 25.92 -5.60
C SER B 216 -38.46 25.13 -6.85
N VAL B 217 -37.51 24.28 -7.24
CA VAL B 217 -37.67 23.44 -8.41
C VAL B 217 -37.07 22.08 -8.11
N VAL B 218 -37.74 21.03 -8.56
CA VAL B 218 -37.23 19.67 -8.37
C VAL B 218 -36.86 19.11 -9.73
N PHE B 219 -35.69 18.49 -9.80
CA PHE B 219 -35.22 17.91 -11.04
C PHE B 219 -35.34 16.39 -10.95
N GLY B 220 -35.64 15.76 -12.07
CA GLY B 220 -35.79 14.32 -12.08
C GLY B 220 -34.50 13.56 -11.82
N THR B 221 -34.51 12.26 -12.10
CA THR B 221 -33.36 11.41 -11.87
C THR B 221 -32.54 11.07 -13.12
N SER B 222 -33.01 11.47 -14.30
CA SER B 222 -32.30 11.15 -15.53
C SER B 222 -31.09 12.04 -15.82
N ALA B 223 -30.34 11.67 -16.86
CA ALA B 223 -29.16 12.42 -17.24
C ALA B 223 -29.59 13.83 -17.64
N GLN B 224 -30.71 13.90 -18.36
CA GLN B 224 -31.29 15.17 -18.84
C GLN B 224 -31.49 16.13 -17.67
N GLU B 225 -32.15 15.63 -16.63
CA GLU B 225 -32.45 16.39 -15.43
C GLU B 225 -31.20 16.79 -14.66
N VAL B 226 -30.27 15.85 -14.53
CA VAL B 226 -29.04 16.14 -13.83
C VAL B 226 -28.33 17.33 -14.45
N VAL B 227 -28.19 17.32 -15.77
CA VAL B 227 -27.53 18.44 -16.43
C VAL B 227 -28.37 19.70 -16.32
N LYS B 228 -29.69 19.55 -16.25
CA LYS B 228 -30.51 20.76 -16.09
C LYS B 228 -30.25 21.27 -14.67
N GLU B 229 -30.10 20.37 -13.72
CA GLU B 229 -29.83 20.78 -12.35
C GLU B 229 -28.53 21.58 -12.27
N ILE B 230 -27.49 21.04 -12.90
CA ILE B 230 -26.20 21.69 -12.89
C ILE B 230 -26.24 23.06 -13.53
N ARG B 231 -26.93 23.18 -14.66
CA ARG B 231 -27.00 24.48 -15.33
C ARG B 231 -27.84 25.46 -14.50
N PHE B 232 -28.87 24.95 -13.83
CA PHE B 232 -29.71 25.78 -12.98
C PHE B 232 -28.88 26.34 -11.83
N ARG B 233 -28.13 25.47 -11.16
CA ARG B 233 -27.33 25.91 -10.04
C ARG B 233 -26.26 26.92 -10.48
N ILE B 234 -25.60 26.65 -11.59
CA ILE B 234 -24.57 27.56 -12.10
C ILE B 234 -25.13 28.96 -12.32
N GLU B 235 -26.24 29.04 -13.02
CA GLU B 235 -26.87 30.32 -13.33
C GLU B 235 -27.44 30.96 -12.07
N GLN B 236 -27.86 30.10 -11.15
CA GLN B 236 -28.43 30.56 -9.90
C GLN B 236 -27.33 31.10 -8.97
N LYS B 237 -26.29 30.31 -8.72
CA LYS B 237 -25.19 30.75 -7.87
C LYS B 237 -24.50 31.93 -8.52
N THR B 238 -24.30 31.78 -9.82
CA THR B 238 -23.64 32.78 -10.65
C THR B 238 -24.73 33.52 -11.39
N THR B 239 -24.45 33.98 -12.60
CA THR B 239 -25.44 34.66 -13.41
C THR B 239 -25.13 34.37 -14.86
N LEU B 240 -24.24 33.41 -15.02
CA LEU B 240 -23.81 32.99 -16.34
C LEU B 240 -24.55 31.72 -16.76
N THR B 241 -24.66 31.54 -18.07
CA THR B 241 -25.32 30.37 -18.61
C THR B 241 -24.26 29.50 -19.22
N ALA B 242 -24.62 28.26 -19.48
CA ALA B 242 -23.69 27.33 -20.08
C ALA B 242 -24.44 26.42 -21.03
N SER B 243 -23.72 25.85 -21.97
CA SER B 243 -24.32 24.91 -22.89
C SER B 243 -23.70 23.58 -22.45
N ALA B 244 -24.26 22.47 -22.87
CA ALA B 244 -23.68 21.19 -22.47
C ALA B 244 -24.11 20.03 -23.32
N GLY B 245 -23.17 19.10 -23.51
CA GLY B 245 -23.45 17.92 -24.30
C GLY B 245 -23.38 16.71 -23.39
N ILE B 246 -24.28 15.76 -23.62
CA ILE B 246 -24.38 14.54 -22.83
C ILE B 246 -24.25 13.37 -23.79
N ALA B 247 -23.38 12.41 -23.49
CA ALA B 247 -23.23 11.27 -24.39
C ALA B 247 -22.52 10.06 -23.76
N PRO B 248 -22.66 8.89 -24.39
CA PRO B 248 -21.99 7.71 -23.80
C PRO B 248 -20.47 7.81 -23.74
N ASN B 249 -19.87 8.78 -24.41
CA ASN B 249 -18.41 8.92 -24.31
C ASN B 249 -17.88 10.35 -24.48
N THR B 250 -16.61 10.51 -24.13
CA THR B 250 -15.90 11.79 -24.16
C THR B 250 -15.80 12.50 -25.51
N MET B 251 -15.64 11.75 -26.59
CA MET B 251 -15.53 12.36 -27.91
C MET B 251 -16.89 12.87 -28.37
N LEU B 252 -17.95 12.19 -27.95
CA LEU B 252 -19.30 12.57 -28.34
C LEU B 252 -19.86 13.76 -27.60
N ALA B 253 -19.74 13.74 -26.27
CA ALA B 253 -20.27 14.84 -25.49
C ALA B 253 -19.60 16.12 -25.95
N LYS B 254 -18.30 16.03 -26.20
CA LYS B 254 -17.52 17.17 -26.65
C LYS B 254 -18.10 17.80 -27.92
N VAL B 255 -18.20 17.01 -28.99
CA VAL B 255 -18.72 17.50 -30.28
C VAL B 255 -20.20 17.88 -30.34
N CYS B 256 -20.96 17.61 -29.29
CA CYS B 256 -22.39 17.98 -29.30
C CYS B 256 -22.76 19.03 -28.26
N SER B 257 -21.81 19.38 -27.40
CA SER B 257 -22.10 20.36 -26.36
C SER B 257 -22.49 21.73 -26.89
N ASP B 258 -22.22 22.01 -28.16
CA ASP B 258 -22.60 23.31 -28.71
C ASP B 258 -23.81 23.27 -29.63
N LYS B 259 -24.46 22.12 -29.75
CA LYS B 259 -25.65 22.01 -30.61
C LYS B 259 -26.74 23.01 -30.24
N ASN B 260 -26.81 23.37 -28.96
CA ASN B 260 -27.80 24.32 -28.50
C ASN B 260 -27.17 25.43 -27.65
N LYS B 261 -26.24 26.20 -28.24
CA LYS B 261 -25.62 27.32 -27.53
C LYS B 261 -26.33 28.57 -28.04
N PRO B 262 -26.44 29.60 -27.20
CA PRO B 262 -26.00 29.70 -25.81
C PRO B 262 -26.67 28.77 -24.80
N ASN B 263 -27.39 29.37 -23.87
CA ASN B 263 -28.09 28.71 -22.77
C ASN B 263 -28.93 27.46 -23.09
N GLY B 264 -28.27 26.34 -23.39
CA GLY B 264 -28.98 25.10 -23.71
C GLY B 264 -28.16 23.84 -23.52
N GLN B 265 -28.78 22.67 -23.73
CA GLN B 265 -28.07 21.40 -23.59
C GLN B 265 -28.46 20.39 -24.64
N TYR B 266 -27.63 19.37 -24.86
CA TYR B 266 -27.88 18.37 -25.89
C TYR B 266 -27.39 16.97 -25.51
N GLN B 267 -28.20 15.96 -25.80
CA GLN B 267 -27.85 14.60 -25.46
C GLN B 267 -27.96 13.62 -26.62
N ILE B 268 -26.96 12.75 -26.72
CA ILE B 268 -26.91 11.70 -27.73
C ILE B 268 -27.19 10.39 -26.99
N LEU B 269 -28.46 10.08 -26.84
CA LEU B 269 -28.95 8.92 -26.11
C LEU B 269 -28.16 7.63 -26.26
N PRO B 270 -28.06 6.87 -25.15
CA PRO B 270 -27.33 5.59 -25.08
C PRO B 270 -27.85 4.45 -25.93
N ASN B 271 -27.84 4.65 -27.24
CA ASN B 271 -28.24 3.63 -28.22
C ASN B 271 -27.47 3.91 -29.52
N ARG B 272 -27.01 2.86 -30.18
CA ARG B 272 -26.23 2.95 -31.42
C ARG B 272 -26.78 3.88 -32.52
N GLN B 273 -28.06 3.74 -32.84
CA GLN B 273 -28.66 4.55 -33.88
C GLN B 273 -28.57 6.03 -33.59
N ALA B 274 -28.84 6.38 -32.34
CA ALA B 274 -28.78 7.76 -31.92
C ALA B 274 -27.36 8.23 -32.10
N VAL B 275 -26.41 7.35 -31.83
CA VAL B 275 -25.01 7.72 -31.99
C VAL B 275 -24.66 7.86 -33.46
N MET B 276 -24.96 6.82 -34.24
CA MET B 276 -24.67 6.84 -35.67
C MET B 276 -25.39 7.96 -36.42
N ASP B 277 -26.58 8.34 -35.97
CA ASP B 277 -27.26 9.40 -36.68
C ASP B 277 -26.67 10.75 -36.37
N PHE B 278 -26.05 10.90 -35.20
CA PHE B 278 -25.43 12.17 -34.89
C PHE B 278 -24.13 12.27 -35.71
N ILE B 279 -23.36 11.19 -35.71
CA ILE B 279 -22.10 11.10 -36.43
C ILE B 279 -22.27 11.28 -37.93
N LYS B 280 -23.37 10.76 -38.46
CA LYS B 280 -23.63 10.87 -39.88
C LYS B 280 -23.50 12.31 -40.41
N ASP B 281 -23.98 13.27 -39.64
CA ASP B 281 -23.90 14.68 -40.03
C ASP B 281 -22.76 15.37 -39.31
N LEU B 282 -21.53 14.87 -39.43
CA LEU B 282 -20.43 15.51 -38.73
C LEU B 282 -19.19 15.81 -39.54
N PRO B 283 -18.88 17.10 -39.70
CA PRO B 283 -17.72 17.58 -40.44
C PRO B 283 -16.44 17.24 -39.68
N ILE B 284 -15.41 16.86 -40.44
CA ILE B 284 -14.12 16.56 -39.85
C ILE B 284 -13.59 17.79 -39.14
N ARG B 285 -14.04 18.96 -39.58
CA ARG B 285 -13.61 20.22 -38.98
C ARG B 285 -14.04 20.25 -37.52
N LYS B 286 -15.17 19.63 -37.23
CA LYS B 286 -15.69 19.62 -35.86
C LYS B 286 -15.05 18.57 -34.95
N VAL B 287 -14.34 17.61 -35.54
CA VAL B 287 -13.70 16.55 -34.75
C VAL B 287 -12.31 16.86 -34.24
N SER B 288 -12.15 17.70 -33.23
CA SER B 288 -10.80 17.97 -32.74
C SER B 288 -10.21 16.65 -32.28
N GLY B 289 -9.07 16.27 -32.83
CA GLY B 289 -8.46 15.00 -32.48
C GLY B 289 -7.81 14.61 -33.79
N ILE B 290 -8.46 15.05 -34.85
CA ILE B 290 -7.97 14.87 -36.21
C ILE B 290 -7.28 16.21 -36.44
N GLY B 291 -5.95 16.22 -36.39
CA GLY B 291 -5.20 17.45 -36.57
C GLY B 291 -5.46 18.17 -37.86
N LYS B 292 -5.00 19.42 -37.96
CA LYS B 292 -5.19 20.21 -39.16
C LYS B 292 -4.42 19.64 -40.36
N VAL B 293 -3.31 18.96 -40.06
CA VAL B 293 -2.53 18.37 -41.13
C VAL B 293 -3.29 17.22 -41.78
N THR B 294 -3.67 16.21 -40.99
CA THR B 294 -4.40 15.08 -41.56
C THR B 294 -5.71 15.57 -42.19
N GLU B 295 -6.25 16.68 -41.71
CA GLU B 295 -7.48 17.21 -42.28
C GLU B 295 -7.20 17.67 -43.70
N LYS B 296 -6.09 18.36 -43.90
CA LYS B 296 -5.72 18.84 -45.22
C LYS B 296 -5.11 17.73 -46.06
N MET B 297 -5.35 16.49 -45.64
CA MET B 297 -4.86 15.34 -46.39
C MET B 297 -6.14 14.66 -46.86
N LEU B 298 -7.14 14.67 -46.00
CA LEU B 298 -8.43 14.08 -46.30
C LEU B 298 -9.16 15.02 -47.24
N LYS B 299 -8.91 16.32 -47.06
CA LYS B 299 -9.54 17.33 -47.90
C LYS B 299 -9.14 17.05 -49.33
N ALA B 300 -7.88 16.67 -49.51
CA ALA B 300 -7.36 16.37 -50.83
C ALA B 300 -7.93 15.07 -51.39
N LEU B 301 -8.44 14.20 -50.53
CA LEU B 301 -9.02 12.95 -51.01
C LEU B 301 -10.53 13.08 -51.18
N GLY B 302 -11.04 14.28 -50.95
CA GLY B 302 -12.46 14.53 -51.08
C GLY B 302 -13.24 14.20 -49.81
N ILE B 303 -12.52 13.87 -48.74
CA ILE B 303 -13.14 13.53 -47.47
C ILE B 303 -13.28 14.73 -46.54
N ILE B 304 -14.52 15.19 -46.35
CA ILE B 304 -14.81 16.34 -45.49
C ILE B 304 -15.81 15.94 -44.41
N THR B 305 -16.40 14.76 -44.57
CA THR B 305 -17.42 14.27 -43.67
C THR B 305 -17.07 12.94 -42.99
N CYS B 306 -17.65 12.70 -41.81
CA CYS B 306 -17.40 11.45 -41.10
C CYS B 306 -18.06 10.29 -41.81
N THR B 307 -19.14 10.57 -42.54
CA THR B 307 -19.84 9.56 -43.32
C THR B 307 -18.86 9.12 -44.41
N GLU B 308 -18.21 10.10 -45.03
CA GLU B 308 -17.24 9.85 -46.08
C GLU B 308 -16.04 9.15 -45.48
N LEU B 309 -15.70 9.54 -44.26
CA LEU B 309 -14.57 8.95 -43.55
C LEU B 309 -14.77 7.44 -43.46
N TYR B 310 -16.02 7.02 -43.28
CA TYR B 310 -16.37 5.61 -43.18
C TYR B 310 -16.43 4.93 -44.55
N GLN B 311 -17.04 5.61 -45.51
CA GLN B 311 -17.21 5.08 -46.86
C GLN B 311 -15.88 4.77 -47.50
N GLN B 312 -14.85 5.52 -47.12
CA GLN B 312 -13.51 5.34 -47.65
C GLN B 312 -12.60 4.58 -46.71
N ARG B 313 -13.16 3.93 -45.70
CA ARG B 313 -12.35 3.20 -44.73
C ARG B 313 -11.28 2.33 -45.37
N ALA B 314 -11.58 1.72 -46.51
CA ALA B 314 -10.62 0.86 -47.19
C ALA B 314 -9.40 1.65 -47.67
N LEU B 315 -9.64 2.65 -48.51
CA LEU B 315 -8.54 3.46 -49.03
C LEU B 315 -7.69 3.99 -47.89
N LEU B 316 -8.36 4.46 -46.84
CA LEU B 316 -7.71 5.02 -45.66
C LEU B 316 -6.74 4.07 -44.96
N SER B 317 -7.12 2.80 -44.88
CA SER B 317 -6.27 1.78 -44.24
C SER B 317 -5.01 1.45 -45.04
N LEU B 318 -5.02 1.76 -46.33
CA LEU B 318 -3.86 1.48 -47.19
C LEU B 318 -2.89 2.66 -47.28
N LEU B 319 -3.40 3.88 -47.11
CA LEU B 319 -2.54 5.05 -47.22
C LEU B 319 -2.11 5.73 -45.92
N PHE B 320 -2.99 5.71 -44.91
CA PHE B 320 -2.66 6.32 -43.63
C PHE B 320 -2.07 5.33 -42.62
N SER B 321 -1.36 5.89 -41.64
CA SER B 321 -0.73 5.07 -40.59
C SER B 321 -1.81 4.34 -39.79
N GLU B 322 -1.41 3.28 -39.11
CA GLU B 322 -2.35 2.51 -38.30
C GLU B 322 -3.00 3.30 -37.18
N THR B 323 -2.26 4.26 -36.62
CA THR B 323 -2.80 5.07 -35.54
C THR B 323 -3.89 6.00 -36.09
N SER B 324 -3.64 6.53 -37.27
CA SER B 324 -4.58 7.45 -37.89
C SER B 324 -5.89 6.83 -38.36
N TRP B 325 -5.82 5.70 -39.08
CA TRP B 325 -7.06 5.11 -39.55
C TRP B 325 -7.81 4.34 -38.48
N HIS B 326 -7.10 3.91 -37.43
CA HIS B 326 -7.74 3.22 -36.31
C HIS B 326 -8.60 4.30 -35.66
N TYR B 327 -8.04 5.49 -35.59
CA TYR B 327 -8.72 6.64 -35.02
C TYR B 327 -9.90 7.03 -35.91
N PHE B 328 -9.65 7.12 -37.21
CA PHE B 328 -10.69 7.48 -38.19
C PHE B 328 -11.84 6.52 -38.02
N LEU B 329 -11.53 5.24 -37.94
CA LEU B 329 -12.58 4.23 -37.80
C LEU B 329 -13.42 4.46 -36.55
N HIS B 330 -12.76 4.70 -35.41
CA HIS B 330 -13.48 4.96 -34.15
C HIS B 330 -14.42 6.16 -34.29
N ILE B 331 -13.92 7.20 -34.94
CA ILE B 331 -14.70 8.41 -35.15
C ILE B 331 -15.92 8.12 -36.00
N SER B 332 -15.71 7.42 -37.11
CA SER B 332 -16.79 7.06 -38.03
C SER B 332 -17.87 6.23 -37.33
N LEU B 333 -17.52 5.66 -36.18
CA LEU B 333 -18.47 4.84 -35.44
C LEU B 333 -18.94 5.45 -34.14
N GLY B 334 -18.56 6.71 -33.91
CA GLY B 334 -18.96 7.40 -32.69
C GLY B 334 -18.45 6.76 -31.41
N LEU B 335 -17.24 6.21 -31.44
CA LEU B 335 -16.66 5.57 -30.25
C LEU B 335 -15.64 6.49 -29.58
N GLY B 336 -15.44 6.29 -28.27
CA GLY B 336 -14.47 7.08 -27.53
C GLY B 336 -14.35 6.63 -26.07
N SER B 337 -13.63 7.38 -25.25
CA SER B 337 -13.48 7.03 -23.84
C SER B 337 -14.77 7.04 -23.04
N THR B 338 -15.07 5.92 -22.39
CA THR B 338 -16.26 5.81 -21.58
C THR B 338 -15.96 6.34 -20.17
N HIS B 339 -14.76 6.87 -20.00
CA HIS B 339 -14.33 7.45 -18.72
C HIS B 339 -13.37 8.58 -19.05
N LEU B 340 -13.25 9.54 -18.14
CA LEU B 340 -12.38 10.69 -18.33
C LEU B 340 -10.91 10.32 -18.37
N THR B 341 -10.28 10.68 -19.48
CA THR B 341 -8.85 10.43 -19.67
C THR B 341 -8.13 11.63 -19.09
N ARG B 342 -6.98 11.37 -18.49
CA ARG B 342 -6.23 12.44 -17.86
C ARG B 342 -4.96 12.72 -18.66
N ARG B 346 2.62 12.32 -15.82
CA ARG B 346 1.79 13.24 -15.05
C ARG B 346 2.55 13.86 -13.88
N LYS B 347 1.86 14.74 -13.17
CA LYS B 347 2.45 15.41 -12.02
C LYS B 347 1.90 14.82 -10.72
N SER B 348 0.81 14.05 -10.83
CA SER B 348 0.19 13.40 -9.67
C SER B 348 -1.00 12.53 -10.03
N MET B 349 -1.33 11.59 -9.14
CA MET B 349 -2.47 10.66 -9.31
C MET B 349 -3.46 11.01 -8.22
N SER B 350 -4.70 11.33 -8.58
CA SER B 350 -5.70 11.67 -7.58
C SER B 350 -7.01 10.90 -7.75
N VAL B 351 -7.65 10.59 -6.63
CA VAL B 351 -8.93 9.88 -6.61
C VAL B 351 -9.78 10.44 -5.46
N GLU B 352 -10.97 10.95 -5.78
CA GLU B 352 -11.84 11.51 -4.76
C GLU B 352 -13.27 10.98 -4.82
N ARG B 353 -14.01 11.16 -3.73
CA ARG B 353 -15.38 10.70 -3.70
C ARG B 353 -16.23 11.52 -2.74
N THR B 354 -17.40 11.96 -3.21
CA THR B 354 -18.30 12.74 -2.37
C THR B 354 -19.44 11.83 -1.94
N PHE B 355 -20.03 12.11 -0.78
CA PHE B 355 -21.09 11.27 -0.23
C PHE B 355 -21.79 11.99 0.92
N SER B 356 -22.96 11.50 1.33
CA SER B 356 -23.64 12.13 2.46
C SER B 356 -22.90 11.74 3.74
N GLU B 357 -22.90 12.65 4.71
CA GLU B 357 -22.20 12.44 5.96
C GLU B 357 -21.90 10.99 6.33
N ILE B 358 -20.64 10.78 6.71
CA ILE B 358 -20.12 9.49 7.14
C ILE B 358 -19.35 9.82 8.43
N ASN B 359 -19.87 9.36 9.56
CA ASN B 359 -19.29 9.60 10.90
C ASN B 359 -18.24 8.58 11.28
N LYS B 360 -18.62 7.31 11.17
CA LYS B 360 -17.76 6.19 11.54
C LYS B 360 -16.35 6.25 11.00
N ALA B 361 -15.39 6.35 11.91
CA ALA B 361 -13.99 6.38 11.51
C ALA B 361 -13.75 4.99 10.94
N GLU B 362 -14.68 4.11 11.25
CA GLU B 362 -14.61 2.72 10.83
C GLU B 362 -15.18 2.45 9.44
N GLU B 363 -15.66 3.51 8.80
CA GLU B 363 -16.17 3.43 7.44
C GLU B 363 -15.26 4.38 6.68
N GLN B 364 -14.58 5.22 7.45
CA GLN B 364 -13.63 6.17 6.91
C GLN B 364 -12.34 5.47 6.54
N TYR B 365 -11.91 4.53 7.38
CA TYR B 365 -10.68 3.77 7.10
C TYR B 365 -10.90 2.89 5.88
N SER B 366 -12.07 2.28 5.78
CA SER B 366 -12.38 1.40 4.65
C SER B 366 -12.59 2.20 3.35
N LEU B 367 -13.11 3.42 3.46
CA LEU B 367 -13.32 4.26 2.29
C LEU B 367 -11.93 4.74 1.84
N CYS B 368 -11.04 4.91 2.80
CA CYS B 368 -9.68 5.37 2.52
C CYS B 368 -8.88 4.33 1.72
N GLN B 369 -9.11 3.06 2.00
CA GLN B 369 -8.38 2.03 1.28
C GLN B 369 -9.05 1.73 -0.06
N GLU B 370 -10.35 1.94 -0.17
CA GLU B 370 -11.01 1.73 -1.47
C GLU B 370 -10.36 2.74 -2.43
N LEU B 371 -10.17 3.98 -1.93
CA LEU B 371 -9.56 5.05 -2.71
C LEU B 371 -8.10 4.76 -3.03
N CYS B 372 -7.39 4.22 -2.04
CA CYS B 372 -5.98 3.90 -2.20
C CYS B 372 -5.71 2.84 -3.26
N SER B 373 -6.51 1.79 -3.27
CA SER B 373 -6.32 0.73 -4.27
C SER B 373 -6.87 1.25 -5.59
N GLU B 374 -7.96 2.00 -5.50
CA GLU B 374 -8.61 2.57 -6.69
C GLU B 374 -7.71 3.66 -7.25
N LEU B 375 -6.47 3.70 -6.76
CA LEU B 375 -5.49 4.68 -7.19
C LEU B 375 -4.25 3.89 -7.60
N ALA B 376 -4.03 2.79 -6.90
CA ALA B 376 -2.90 1.90 -7.19
C ALA B 376 -3.17 1.23 -8.52
N GLN B 377 -4.44 0.93 -8.77
CA GLN B 377 -4.86 0.31 -10.01
C GLN B 377 -4.59 1.25 -11.18
N ASP B 378 -4.67 2.56 -10.94
CA ASP B 378 -4.41 3.53 -11.98
C ASP B 378 -2.93 3.86 -12.05
N LEU B 379 -2.26 3.78 -10.91
CA LEU B 379 -0.83 4.05 -10.86
C LEU B 379 -0.14 2.84 -11.49
N GLN B 380 -0.82 1.69 -11.49
CA GLN B 380 -0.28 0.47 -12.08
C GLN B 380 -0.69 0.33 -13.55
N LYS B 381 -0.71 1.46 -14.25
CA LYS B 381 -1.09 1.49 -15.67
C LYS B 381 -0.21 2.46 -16.42
N GLU B 382 0.76 2.98 -15.67
CA GLU B 382 1.79 3.89 -16.11
C GLU B 382 2.72 3.53 -14.98
N ARG B 383 4.00 3.85 -15.05
CA ARG B 383 4.85 3.48 -13.92
C ARG B 383 4.31 4.18 -12.67
N LEU B 384 4.27 5.51 -12.73
CA LEU B 384 3.79 6.33 -11.65
C LEU B 384 3.93 5.76 -10.23
N LYS B 385 5.15 5.72 -9.74
CA LYS B 385 5.46 5.27 -8.38
C LYS B 385 5.83 6.59 -7.73
N GLY B 386 5.54 6.77 -6.45
CA GLY B 386 5.87 8.05 -5.83
C GLY B 386 6.21 8.01 -4.34
N ARG B 387 6.49 9.20 -3.80
CA ARG B 387 6.86 9.34 -2.39
C ARG B 387 6.13 10.52 -1.72
N THR B 388 4.86 10.70 -2.04
CA THR B 388 4.07 11.78 -1.46
C THR B 388 2.60 11.41 -1.45
N VAL B 389 2.11 10.96 -0.30
CA VAL B 389 0.72 10.62 -0.16
C VAL B 389 0.03 11.76 0.59
N THR B 390 -0.93 12.38 -0.07
CA THR B 390 -1.67 13.49 0.52
C THR B 390 -3.13 13.09 0.66
N ILE B 391 -3.74 13.52 1.75
CA ILE B 391 -5.13 13.20 2.01
C ILE B 391 -5.94 14.47 2.04
N LYS B 392 -7.17 14.38 1.54
CA LYS B 392 -8.06 15.53 1.50
C LYS B 392 -9.38 15.17 2.18
N LEU B 393 -9.83 16.03 3.09
CA LEU B 393 -11.08 15.79 3.79
C LEU B 393 -11.95 17.04 3.75
N LYS B 394 -13.23 16.86 3.45
CA LYS B 394 -14.19 17.96 3.45
C LYS B 394 -15.29 17.53 4.42
N ASN B 395 -15.46 18.27 5.50
CA ASN B 395 -16.48 17.88 6.47
C ASN B 395 -17.80 18.60 6.29
N VAL B 396 -18.79 18.11 7.04
CA VAL B 396 -20.16 18.61 7.03
C VAL B 396 -20.32 20.12 6.90
N ASN B 397 -19.48 20.90 7.57
CA ASN B 397 -19.61 22.35 7.46
C ASN B 397 -19.03 22.90 6.17
N PHE B 398 -18.39 22.02 5.39
CA PHE B 398 -17.79 22.38 4.10
C PHE B 398 -16.35 22.85 4.18
N GLU B 399 -15.71 22.61 5.31
CA GLU B 399 -14.33 22.99 5.48
C GLU B 399 -13.48 21.83 4.97
N VAL B 400 -12.39 22.16 4.28
CA VAL B 400 -11.51 21.13 3.74
C VAL B 400 -10.12 21.15 4.36
N LYS B 401 -9.61 19.96 4.67
CA LYS B 401 -8.28 19.82 5.24
C LYS B 401 -7.44 18.97 4.31
N THR B 402 -6.12 19.13 4.40
CA THR B 402 -5.19 18.38 3.58
C THR B 402 -3.91 18.08 4.35
N ARG B 403 -3.52 16.81 4.37
CA ARG B 403 -2.31 16.42 5.07
C ARG B 403 -1.51 15.50 4.17
N ALA B 404 -0.19 15.52 4.31
CA ALA B 404 0.64 14.66 3.46
C ALA B 404 1.87 14.15 4.18
N SER B 405 2.39 13.01 3.73
CA SER B 405 3.59 12.43 4.33
C SER B 405 4.59 12.11 3.22
N THR B 406 5.78 12.70 3.27
CA THR B 406 6.81 12.43 2.28
C THR B 406 7.90 11.57 2.91
N SER B 409 10.75 7.30 -0.36
CA SER B 409 11.19 5.91 -0.46
C SER B 409 10.55 5.18 -1.64
N VAL B 410 9.34 5.58 -2.00
CA VAL B 410 8.56 5.03 -3.12
C VAL B 410 7.57 3.91 -2.76
N VAL B 411 6.28 4.27 -2.66
CA VAL B 411 5.21 3.33 -2.32
C VAL B 411 4.25 3.21 -3.49
N SER B 412 4.24 2.06 -4.17
CA SER B 412 3.40 1.85 -5.34
C SER B 412 1.97 1.29 -5.23
N THR B 413 1.73 0.38 -4.29
CA THR B 413 0.41 -0.24 -4.18
C THR B 413 -0.52 0.27 -3.08
N ALA B 414 -1.70 -0.34 -2.99
CA ALA B 414 -2.68 0.02 -1.97
C ALA B 414 -2.11 -0.28 -0.61
N GLU B 415 -1.18 -1.24 -0.59
CA GLU B 415 -0.52 -1.63 0.65
C GLU B 415 0.37 -0.47 1.10
N GLU B 416 1.29 -0.09 0.22
CA GLU B 416 2.23 0.99 0.52
C GLU B 416 1.59 2.37 0.54
N ILE B 417 0.35 2.48 0.07
CA ILE B 417 -0.31 3.79 0.04
C ILE B 417 -1.58 3.89 0.87
N PHE B 418 -1.76 2.96 1.80
CA PHE B 418 -2.89 3.01 2.71
C PHE B 418 -2.16 3.01 4.04
N ALA B 419 -0.88 2.68 3.95
CA ALA B 419 0.02 2.63 5.08
C ALA B 419 0.38 4.07 5.44
N ILE B 420 0.43 4.93 4.43
CA ILE B 420 0.75 6.33 4.66
C ILE B 420 -0.54 7.11 4.85
N ALA B 421 -1.60 6.68 4.16
CA ALA B 421 -2.89 7.34 4.22
C ALA B 421 -3.69 7.11 5.50
N LYS B 422 -3.71 5.87 5.99
CA LYS B 422 -4.47 5.58 7.20
C LYS B 422 -3.89 6.31 8.42
N GLU B 423 -2.58 6.50 8.42
CA GLU B 423 -1.91 7.19 9.52
C GLU B 423 -2.27 8.66 9.48
N LEU B 424 -2.35 9.21 8.27
CA LEU B 424 -2.70 10.62 8.09
C LEU B 424 -4.13 10.84 8.56
N LEU B 425 -5.03 9.95 8.14
CA LEU B 425 -6.44 10.02 8.49
C LEU B 425 -6.57 9.82 9.99
N LYS B 426 -5.81 8.86 10.53
CA LYS B 426 -5.86 8.59 11.95
C LYS B 426 -5.46 9.85 12.72
N THR B 427 -4.45 10.54 12.22
CA THR B 427 -3.99 11.75 12.88
C THR B 427 -5.12 12.77 13.02
N GLU B 428 -5.94 12.94 11.98
CA GLU B 428 -7.04 13.89 12.08
C GLU B 428 -8.12 13.36 13.02
N ILE B 429 -8.40 12.06 12.94
CA ILE B 429 -9.39 11.45 13.81
C ILE B 429 -8.93 11.60 15.26
N ASP B 430 -7.67 11.26 15.53
CA ASP B 430 -7.12 11.38 16.87
C ASP B 430 -7.08 12.86 17.28
N ALA B 431 -7.09 13.74 16.29
CA ALA B 431 -7.01 15.18 16.52
C ALA B 431 -8.23 15.81 17.17
N ASP B 432 -9.42 15.52 16.66
CA ASP B 432 -10.57 16.14 17.28
C ASP B 432 -11.47 15.15 18.02
N PHE B 433 -10.83 14.11 18.55
CA PHE B 433 -11.50 13.10 19.35
C PHE B 433 -11.77 13.77 20.70
N PRO B 434 -12.86 13.39 21.40
CA PRO B 434 -13.85 12.36 21.09
C PRO B 434 -14.85 12.67 19.99
N HIS B 435 -14.70 13.82 19.34
CA HIS B 435 -15.62 14.18 18.23
C HIS B 435 -15.25 13.43 16.97
N PRO B 436 -16.24 12.76 16.37
CA PRO B 436 -16.06 11.99 15.14
C PRO B 436 -15.36 12.81 14.09
N LEU B 437 -15.94 12.75 12.92
CA LEU B 437 -15.45 13.45 11.77
C LEU B 437 -16.64 13.30 10.87
N ARG B 438 -17.37 14.39 10.70
CA ARG B 438 -18.51 14.36 9.81
C ARG B 438 -18.06 14.68 8.38
N LEU B 439 -17.42 13.70 7.76
CA LEU B 439 -16.92 13.81 6.41
C LEU B 439 -17.97 13.77 5.29
N ARG B 440 -17.81 14.69 4.37
CA ARG B 440 -18.71 14.80 3.25
C ARG B 440 -17.95 14.47 1.95
N LEU B 441 -16.63 14.34 2.08
CA LEU B 441 -15.77 14.03 0.94
C LEU B 441 -14.42 13.56 1.42
N MET B 442 -13.80 12.65 0.67
CA MET B 442 -12.48 12.16 1.01
C MET B 442 -11.69 11.95 -0.26
N GLY B 443 -10.39 12.25 -0.19
CA GLY B 443 -9.55 12.08 -1.35
C GLY B 443 -8.14 11.68 -0.99
N VAL B 444 -7.48 11.02 -1.93
CA VAL B 444 -6.10 10.59 -1.78
C VAL B 444 -5.37 10.91 -3.08
N ARG B 445 -4.19 11.51 -2.94
CA ARG B 445 -3.36 11.88 -4.09
C ARG B 445 -1.93 11.42 -3.94
N ILE B 446 -1.37 10.78 -4.96
CA ILE B 446 0.01 10.38 -4.91
C ILE B 446 0.75 11.42 -5.69
N SER B 447 1.89 11.78 -5.20
CA SER B 447 2.63 12.77 -5.93
C SER B 447 4.12 12.53 -5.86
N SER B 448 4.88 13.39 -6.54
CA SER B 448 6.34 13.31 -6.58
C SER B 448 6.87 11.99 -7.17
N PHE B 449 6.62 11.77 -8.47
CA PHE B 449 7.12 10.56 -9.12
C PHE B 449 8.51 10.88 -9.68
N PRO B 450 9.53 10.25 -9.09
CA PRO B 450 10.93 10.44 -9.49
C PRO B 450 11.08 11.18 -10.82
#